data_4FM2
#
_entry.id   4FM2
#
_cell.length_a   68.730
_cell.length_b   115.020
_cell.length_c   127.260
_cell.angle_alpha   90.00
_cell.angle_beta   90.00
_cell.angle_gamma   90.00
#
_symmetry.space_group_name_H-M   'P 21 21 21'
#
loop_
_entity.id
_entity.type
_entity.pdbx_description
1 polymer 'Template strand'
2 polymer 'Primer strand'
3 polymer 'DNA polymerase 1'
4 non-polymer 'MAGNESIUM ION'
5 non-polymer GLYCEROL
6 water water
#
loop_
_entity_poly.entity_id
_entity_poly.type
_entity_poly.pdbx_seq_one_letter_code
_entity_poly.pdbx_strand_id
1 'polydeoxyribonucleotide' (DG)(DG)(DG)(DU)(DG)(DT)(DA)(DC)(DG)(DT)(DG)(DA)(DT)(DC)(DG) T
2 'polydeoxyribonucleotide' (DC)(DG)(DA)(DT)(DC)(DA)(DC)(DG) P
3 'polypeptide(L)'
;MGSSHHHHHHSSGLVPAGSHAGMIIAADYITEDGKPIIRIFKKEKGEFKVEYDRTFRPYIYALLKDDSAIDEVKKITAER
HGKIVRITEVEKVQKKFLGRPIEVWKLYLEHPQDVPAIREKIREHPAVVDIFEYDIPFAKRYLIDKGLTPMEGNEELTFL
AVDIETLYHEGEEFGKGPIIMISYADEEGAKVITWKSIDLPYVEVVSSEREMIKRLVKVIREKDPDVIITYNGDNFAFPY
LLKRAEKLGIKLPLGRDNSEPKMQRMGDSLAVAIKGRIHFDLFPVIRRTINLPTYTLEAVYEAIFGKSKEKVYAHEIAEA
WETGKGLERVAKYSMEDAKVTFELGKEFFPMEAQLARLVGQPVWAVSRSSTGNLVEWFLLRKAYERNELAPNKPDEREYE
RRLRESYEGGYVKEPEKGLWEGIVSLDFRSLYPSIIITHNVSPDTLNRENCKEYDVAPQVGHRFCKDFPGFIPSLLGNLL
EERQKIKKRMKESKDPVEKKLLDYRQRAIKILANSYYGYYGYAKARWYCKECAESVTAWGRQYIDLVRRELESRGFKVLY
IDTDGLYATIPGAKHEEIKEKALKFVEYINSKLPGLLELEYEGFYARGFFVTKKKYALIDEEGKIVTRGLEIVRRDWSEI
AKETQAKVLEAILKHGNVDEAVKIVKEVTEKLSKYEIPPEKLVIYEQITRPLSEYKAIGPHVAVAKRLAAKGVKVKPGMV
IGYIVLRGDGPISKRAIAIEEFDPKKHKYDAEYYIENQVLPAVERILRAFGYRKEDLKYQKTKQVGLGAWLKF
;
A
#
loop_
_chem_comp.id
_chem_comp.type
_chem_comp.name
_chem_comp.formula
DA DNA linking 2'-DEOXYADENOSINE-5'-MONOPHOSPHATE 'C10 H14 N5 O6 P'
DC DNA linking 2'-DEOXYCYTIDINE-5'-MONOPHOSPHATE 'C9 H14 N3 O7 P'
DG DNA linking 2'-DEOXYGUANOSINE-5'-MONOPHOSPHATE 'C10 H14 N5 O7 P'
DT DNA linking THYMIDINE-5'-MONOPHOSPHATE 'C10 H15 N2 O8 P'
DU DNA linking 2'-DEOXYURIDINE-5'-MONOPHOSPHATE 'C9 H13 N2 O8 P'
GOL non-polymer GLYCEROL 'C3 H8 O3'
MG non-polymer 'MAGNESIUM ION' 'Mg 2'
#
# COMPACT_ATOMS: atom_id res chain seq x y z
N ALA C 21 -30.70 -6.21 8.01
CA ALA C 21 -29.59 -6.70 8.85
C ALA C 21 -28.69 -5.54 9.31
N GLY C 22 -28.02 -5.69 10.49
CA GLY C 22 -27.14 -4.65 11.06
C GLY C 22 -25.67 -4.86 10.63
N MET C 23 -25.13 -3.93 9.82
CA MET C 23 -23.77 -3.99 9.28
C MET C 23 -22.85 -2.97 9.93
N ILE C 24 -21.78 -3.43 10.61
CA ILE C 24 -20.80 -2.59 11.28
C ILE C 24 -19.88 -2.01 10.21
N ILE C 25 -19.72 -0.68 10.22
CA ILE C 25 -18.89 -0.01 9.22
C ILE C 25 -17.61 0.51 9.85
N ALA C 26 -17.62 0.76 11.18
CA ALA C 26 -16.48 1.26 11.97
C ALA C 26 -16.77 1.18 13.43
N ALA C 27 -15.75 1.46 14.24
CA ALA C 27 -15.81 1.52 15.69
C ALA C 27 -14.73 2.47 16.20
N ASP C 28 -15.03 3.22 17.25
CA ASP C 28 -14.05 4.10 17.88
C ASP C 28 -14.44 4.26 19.35
N TYR C 29 -13.79 5.16 20.08
CA TYR C 29 -14.17 5.46 21.43
C TYR C 29 -14.06 6.97 21.72
N ILE C 30 -14.93 7.42 22.64
CA ILE C 30 -15.02 8.79 23.15
C ILE C 30 -14.88 8.72 24.69
N THR C 31 -14.46 9.82 25.32
CA THR C 31 -14.26 9.86 26.77
C THR C 31 -15.40 10.73 27.38
N GLU C 32 -15.98 10.24 28.48
CA GLU C 32 -17.08 10.88 29.16
C GLU C 32 -16.88 10.66 30.65
N ASP C 33 -16.70 11.77 31.40
CA ASP C 33 -16.41 11.80 32.84
C ASP C 33 -15.07 11.04 33.11
N GLY C 34 -14.14 11.17 32.18
CA GLY C 34 -12.84 10.52 32.22
C GLY C 34 -12.84 9.05 31.86
N LYS C 35 -14.04 8.50 31.56
CA LYS C 35 -14.22 7.08 31.26
C LYS C 35 -14.47 6.83 29.75
N PRO C 36 -13.93 5.71 29.20
CA PRO C 36 -14.12 5.44 27.75
C PRO C 36 -15.46 4.80 27.40
N ILE C 37 -16.02 5.22 26.27
CA ILE C 37 -17.30 4.72 25.74
C ILE C 37 -17.05 4.32 24.32
N ILE C 38 -17.27 3.05 24.02
CA ILE C 38 -17.08 2.54 22.67
C ILE C 38 -18.27 2.97 21.80
N ARG C 39 -18.00 3.45 20.56
CA ARG C 39 -19.02 3.79 19.58
C ARG C 39 -18.95 2.82 18.44
N ILE C 40 -20.05 2.13 18.14
CA ILE C 40 -20.12 1.20 17.01
C ILE C 40 -21.02 1.83 15.97
N PHE C 41 -20.46 2.14 14.80
CA PHE C 41 -21.22 2.76 13.72
C PHE C 41 -21.81 1.68 12.81
N LYS C 42 -23.14 1.67 12.70
CA LYS C 42 -23.86 0.66 11.95
C LYS C 42 -24.78 1.19 10.87
N LYS C 43 -25.09 0.33 9.90
CA LYS C 43 -26.06 0.58 8.82
C LYS C 43 -27.10 -0.55 8.98
N GLU C 44 -28.31 -0.16 9.39
CA GLU C 44 -29.39 -1.08 9.69
C GLU C 44 -30.62 -0.76 8.83
N LYS C 45 -30.89 -1.63 7.83
CA LYS C 45 -32.02 -1.50 6.88
C LYS C 45 -32.07 -0.06 6.32
N GLY C 46 -30.92 0.35 5.76
CA GLY C 46 -30.71 1.65 5.15
C GLY C 46 -30.52 2.81 6.09
N GLU C 47 -30.52 2.57 7.42
CA GLU C 47 -30.43 3.66 8.39
C GLU C 47 -29.17 3.63 9.19
N PHE C 48 -28.56 4.81 9.39
CA PHE C 48 -27.34 4.97 10.20
C PHE C 48 -27.72 4.89 11.65
N LYS C 49 -27.10 3.98 12.38
CA LYS C 49 -27.34 3.79 13.81
C LYS C 49 -26.00 3.79 14.54
N VAL C 50 -25.92 4.48 15.71
CA VAL C 50 -24.70 4.48 16.52
C VAL C 50 -25.02 3.82 17.90
N GLU C 51 -24.34 2.70 18.19
CA GLU C 51 -24.49 1.98 19.45
C GLU C 51 -23.39 2.41 20.43
N TYR C 52 -23.72 2.51 21.72
CA TYR C 52 -22.74 2.92 22.75
C TYR C 52 -22.53 1.80 23.79
N ASP C 53 -21.25 1.50 24.12
CA ASP C 53 -20.89 0.52 25.14
C ASP C 53 -19.94 1.16 26.14
N ARG C 54 -20.32 1.16 27.42
CA ARG C 54 -19.58 1.77 28.54
C ARG C 54 -18.87 0.74 29.42
N THR C 55 -19.25 -0.55 29.27
CA THR C 55 -18.82 -1.67 30.11
C THR C 55 -17.49 -2.34 29.70
N PHE C 56 -17.03 -2.18 28.44
CA PHE C 56 -15.78 -2.82 28.03
C PHE C 56 -14.56 -2.13 28.65
N ARG C 57 -13.67 -2.92 29.25
CA ARG C 57 -12.48 -2.41 29.92
C ARG C 57 -11.17 -2.68 29.20
N PRO C 58 -10.25 -1.67 29.20
CA PRO C 58 -8.90 -1.91 28.63
C PRO C 58 -8.06 -2.80 29.54
N TYR C 59 -7.10 -3.54 28.97
CA TYR C 59 -6.22 -4.45 29.72
C TYR C 59 -4.97 -4.83 28.95
N ILE C 60 -4.01 -5.41 29.68
CA ILE C 60 -2.76 -5.97 29.18
C ILE C 60 -2.54 -7.25 29.96
N TYR C 61 -1.54 -8.05 29.59
CA TYR C 61 -1.20 -9.27 30.30
C TYR C 61 0.18 -9.16 30.82
N ALA C 62 0.44 -9.76 31.97
CA ALA C 62 1.75 -9.82 32.56
C ALA C 62 2.05 -11.24 32.98
N LEU C 63 3.20 -11.73 32.53
CA LEU C 63 3.72 -13.03 32.90
C LEU C 63 4.63 -12.80 34.08
N LEU C 64 4.29 -13.38 35.26
CA LEU C 64 5.06 -13.19 36.48
C LEU C 64 5.96 -14.40 36.79
N LYS C 65 7.04 -14.16 37.57
CA LYS C 65 7.96 -15.23 37.98
C LYS C 65 7.28 -16.21 38.93
N ASP C 66 6.36 -15.70 39.78
CA ASP C 66 5.59 -16.44 40.77
C ASP C 66 4.26 -15.72 41.06
N ASP C 67 3.20 -16.48 41.41
CA ASP C 67 1.88 -15.90 41.75
C ASP C 67 1.95 -14.89 42.91
N SER C 68 2.85 -15.11 43.89
CA SER C 68 3.04 -14.23 45.05
C SER C 68 3.30 -12.76 44.65
N ALA C 69 4.03 -12.55 43.54
CA ALA C 69 4.43 -11.26 42.97
C ALA C 69 3.25 -10.32 42.63
N ILE C 70 2.04 -10.87 42.35
CA ILE C 70 0.86 -10.09 41.97
C ILE C 70 0.53 -9.01 43.03
N ASP C 71 0.79 -9.27 44.31
CA ASP C 71 0.52 -8.34 45.40
C ASP C 71 1.35 -7.03 45.25
N GLU C 72 2.61 -7.15 44.75
CA GLU C 72 3.52 -6.03 44.50
C GLU C 72 3.18 -5.39 43.15
N VAL C 73 2.91 -6.23 42.14
CA VAL C 73 2.61 -5.81 40.77
C VAL C 73 1.28 -5.01 40.67
N LYS C 74 0.19 -5.46 41.33
CA LYS C 74 -1.12 -4.78 41.28
C LYS C 74 -1.08 -3.35 41.88
N LYS C 75 -0.04 -3.07 42.72
CA LYS C 75 0.21 -1.80 43.42
C LYS C 75 1.08 -0.82 42.57
N ILE C 76 1.43 -1.17 41.30
CA ILE C 76 2.19 -0.31 40.39
C ILE C 76 1.26 0.84 39.96
N THR C 77 1.85 2.05 39.89
CA THR C 77 1.20 3.33 39.60
C THR C 77 1.93 4.05 38.45
N ALA C 78 1.19 4.95 37.76
CA ALA C 78 1.69 5.82 36.69
C ALA C 78 0.98 7.16 36.79
N GLU C 79 1.32 8.10 35.90
CA GLU C 79 0.69 9.43 35.83
C GLU C 79 0.31 9.77 34.39
N ARG C 80 -0.89 10.34 34.21
CA ARG C 80 -1.43 10.77 32.93
C ARG C 80 -2.39 11.91 33.16
N HIS C 81 -2.19 13.01 32.39
CA HIS C 81 -3.02 14.21 32.42
C HIS C 81 -3.12 14.77 33.89
N GLY C 82 -1.95 14.84 34.56
CA GLY C 82 -1.83 15.32 35.94
C GLY C 82 -2.27 14.35 37.02
N LYS C 83 -3.19 13.41 36.69
CA LYS C 83 -3.77 12.42 37.61
C LYS C 83 -3.04 11.07 37.56
N ILE C 84 -2.98 10.35 38.71
CA ILE C 84 -2.28 9.06 38.79
C ILE C 84 -3.15 7.95 38.18
N VAL C 85 -2.48 6.92 37.63
CA VAL C 85 -3.12 5.79 36.98
C VAL C 85 -2.82 4.52 37.79
N ARG C 86 -3.84 3.69 38.00
CA ARG C 86 -3.72 2.43 38.73
C ARG C 86 -4.30 1.28 37.94
N ILE C 87 -3.88 0.06 38.33
CA ILE C 87 -4.41 -1.19 37.81
C ILE C 87 -5.76 -1.37 38.55
N THR C 88 -6.86 -1.35 37.79
CA THR C 88 -8.24 -1.39 38.27
C THR C 88 -8.60 -2.74 38.88
N GLU C 89 -8.26 -3.83 38.23
CA GLU C 89 -8.52 -5.19 38.68
C GLU C 89 -7.46 -6.08 38.06
N VAL C 90 -7.13 -7.19 38.73
CA VAL C 90 -6.19 -8.20 38.23
C VAL C 90 -6.91 -9.55 38.24
N GLU C 91 -6.68 -10.35 37.19
CA GLU C 91 -7.33 -11.65 37.00
C GLU C 91 -6.33 -12.69 36.50
N LYS C 92 -6.22 -13.82 37.19
CA LYS C 92 -5.33 -14.89 36.74
C LYS C 92 -6.05 -15.67 35.63
N VAL C 93 -5.41 -15.77 34.47
CA VAL C 93 -6.00 -16.47 33.32
C VAL C 93 -5.03 -17.53 32.79
N GLN C 94 -5.60 -18.62 32.26
CA GLN C 94 -4.83 -19.69 31.65
C GLN C 94 -5.00 -19.58 30.15
N LYS C 95 -3.89 -19.44 29.45
CA LYS C 95 -3.86 -19.26 28.01
C LYS C 95 -2.82 -20.17 27.40
N LYS C 96 -2.67 -20.09 26.06
CA LYS C 96 -1.70 -20.86 25.29
C LYS C 96 -0.66 -19.90 24.72
N PHE C 97 0.61 -20.21 24.92
CA PHE C 97 1.70 -19.42 24.35
C PHE C 97 2.75 -20.35 23.80
N LEU C 98 3.14 -20.14 22.51
CA LEU C 98 4.15 -21.00 21.88
C LEU C 98 3.66 -22.46 21.91
N GLY C 99 2.34 -22.65 21.75
CA GLY C 99 1.73 -23.98 21.83
C GLY C 99 1.94 -24.68 23.15
N ARG C 100 1.92 -23.90 24.25
CA ARG C 100 2.10 -24.38 25.63
C ARG C 100 1.12 -23.69 26.59
N PRO C 101 0.53 -24.40 27.59
CA PRO C 101 -0.35 -23.71 28.54
C PRO C 101 0.48 -22.72 29.36
N ILE C 102 -0.03 -21.52 29.58
CA ILE C 102 0.69 -20.49 30.31
C ILE C 102 -0.28 -19.77 31.24
N GLU C 103 0.22 -19.37 32.40
CA GLU C 103 -0.59 -18.64 33.36
C GLU C 103 -0.10 -17.20 33.40
N VAL C 104 -0.98 -16.29 32.96
CA VAL C 104 -0.70 -14.85 32.92
C VAL C 104 -1.78 -14.11 33.72
N TRP C 105 -1.49 -12.86 34.04
CA TRP C 105 -2.40 -12.00 34.77
C TRP C 105 -2.90 -10.93 33.86
N LYS C 106 -4.22 -10.83 33.77
CA LYS C 106 -4.92 -9.80 33.02
C LYS C 106 -4.95 -8.58 33.93
N LEU C 107 -4.32 -7.49 33.52
CA LEU C 107 -4.24 -6.25 34.27
C LEU C 107 -5.20 -5.27 33.66
N TYR C 108 -6.34 -4.99 34.33
CA TYR C 108 -7.37 -4.08 33.84
C TYR C 108 -7.03 -2.62 34.16
N LEU C 109 -7.41 -1.71 33.26
CA LEU C 109 -7.18 -0.27 33.46
C LEU C 109 -8.48 0.48 33.25
N GLU C 110 -8.54 1.74 33.73
CA GLU C 110 -9.76 2.51 33.60
C GLU C 110 -9.95 3.03 32.18
N HIS C 111 -8.87 3.60 31.59
CA HIS C 111 -8.88 4.24 30.29
C HIS C 111 -7.83 3.64 29.37
N PRO C 112 -8.09 3.47 28.04
CA PRO C 112 -7.06 2.90 27.17
C PRO C 112 -5.76 3.73 27.14
N GLN C 113 -5.83 5.07 27.34
CA GLN C 113 -4.63 5.91 27.38
C GLN C 113 -3.78 5.66 28.65
N ASP C 114 -4.30 4.85 29.60
CA ASP C 114 -3.58 4.43 30.80
C ASP C 114 -2.49 3.39 30.43
N VAL C 115 -2.77 2.52 29.44
CA VAL C 115 -1.86 1.47 28.96
C VAL C 115 -0.47 2.08 28.58
N PRO C 116 -0.33 3.08 27.63
CA PRO C 116 1.02 3.58 27.33
C PRO C 116 1.69 4.29 28.51
N ALA C 117 0.90 4.74 29.51
CA ALA C 117 1.42 5.41 30.67
C ALA C 117 2.01 4.42 31.68
N ILE C 118 1.37 3.25 31.85
CA ILE C 118 1.80 2.28 32.85
C ILE C 118 2.58 1.06 32.31
N ARG C 119 2.42 0.63 31.03
CA ARG C 119 3.06 -0.59 30.50
C ARG C 119 4.59 -0.73 30.80
N GLU C 120 5.40 0.34 30.63
CA GLU C 120 6.84 0.26 30.89
C GLU C 120 7.12 0.20 32.39
N LYS C 121 6.25 0.79 33.24
CA LYS C 121 6.40 0.68 34.69
C LYS C 121 6.20 -0.80 35.09
N ILE C 122 5.24 -1.49 34.45
CA ILE C 122 4.99 -2.90 34.73
C ILE C 122 6.15 -3.73 34.16
N ARG C 123 6.56 -3.50 32.89
CA ARG C 123 7.65 -4.25 32.28
C ARG C 123 8.97 -4.14 33.10
N GLU C 124 9.30 -2.93 33.64
CA GLU C 124 10.45 -2.62 34.49
C GLU C 124 10.60 -3.57 35.68
N HIS C 125 9.47 -3.94 36.31
CA HIS C 125 9.39 -4.70 37.55
C HIS C 125 10.21 -5.99 37.56
N PRO C 126 11.00 -6.22 38.64
CA PRO C 126 11.84 -7.44 38.71
C PRO C 126 11.08 -8.77 38.65
N ALA C 127 9.80 -8.79 39.04
CA ALA C 127 9.00 -10.00 39.09
C ALA C 127 8.18 -10.27 37.81
N VAL C 128 8.24 -9.34 36.84
CA VAL C 128 7.52 -9.42 35.58
C VAL C 128 8.49 -9.96 34.56
N VAL C 129 8.15 -11.13 33.99
CA VAL C 129 8.97 -11.80 33.01
C VAL C 129 8.79 -11.04 31.70
N ASP C 130 7.53 -10.79 31.31
CA ASP C 130 7.18 -10.09 30.07
C ASP C 130 5.74 -9.65 30.16
N ILE C 131 5.38 -8.61 29.36
CA ILE C 131 4.02 -8.08 29.20
C ILE C 131 3.56 -8.37 27.78
N PHE C 132 2.24 -8.44 27.54
CA PHE C 132 1.70 -8.78 26.23
C PHE C 132 0.45 -8.00 25.90
N GLU C 133 0.13 -7.92 24.57
CA GLU C 133 -1.08 -7.26 24.04
C GLU C 133 -1.26 -5.88 24.68
N TYR C 134 -0.21 -5.04 24.61
CA TYR C 134 -0.14 -3.70 25.18
C TYR C 134 -0.14 -2.56 24.11
N ASP C 135 -0.22 -2.92 22.81
CA ASP C 135 -0.23 -1.95 21.72
C ASP C 135 -1.38 -2.22 20.74
N ILE C 136 -2.51 -2.77 21.24
CA ILE C 136 -3.71 -3.05 20.45
C ILE C 136 -4.69 -1.89 20.64
N PRO C 137 -4.96 -1.04 19.59
CA PRO C 137 -5.91 0.07 19.79
C PRO C 137 -7.24 -0.41 20.40
N PHE C 138 -7.81 0.37 21.34
CA PHE C 138 -9.01 0.04 22.11
C PHE C 138 -10.21 -0.36 21.25
N ALA C 139 -10.52 0.38 20.18
CA ALA C 139 -11.64 0.05 19.30
C ALA C 139 -11.44 -1.30 18.55
N LYS C 140 -10.18 -1.68 18.22
CA LYS C 140 -9.83 -2.95 17.54
C LYS C 140 -9.89 -4.09 18.57
N ARG C 141 -9.51 -3.79 19.85
CA ARG C 141 -9.56 -4.69 21.01
C ARG C 141 -11.02 -5.07 21.20
N TYR C 142 -11.92 -4.07 21.17
CA TYR C 142 -13.36 -4.26 21.32
C TYR C 142 -13.92 -5.19 20.24
N LEU C 143 -13.67 -4.88 18.95
CA LEU C 143 -14.17 -5.66 17.81
C LEU C 143 -13.76 -7.13 17.91
N ILE C 144 -12.48 -7.39 18.29
CA ILE C 144 -11.92 -8.73 18.43
C ILE C 144 -12.59 -9.48 19.59
N ASP C 145 -12.51 -8.91 20.81
CA ASP C 145 -13.01 -9.48 22.05
C ASP C 145 -14.51 -9.72 22.04
N LYS C 146 -15.29 -8.83 21.40
CA LYS C 146 -16.74 -8.96 21.37
C LYS C 146 -17.22 -9.86 20.20
N GLY C 147 -16.27 -10.32 19.39
CA GLY C 147 -16.50 -11.17 18.23
C GLY C 147 -17.32 -10.48 17.17
N LEU C 148 -17.04 -9.18 16.98
CA LEU C 148 -17.75 -8.34 16.01
C LEU C 148 -16.94 -8.21 14.72
N THR C 149 -17.61 -8.45 13.59
CA THR C 149 -17.02 -8.41 12.26
C THR C 149 -17.65 -7.31 11.39
N PRO C 150 -16.84 -6.33 10.90
CA PRO C 150 -17.40 -5.29 10.02
C PRO C 150 -17.82 -5.85 8.65
N MET C 151 -18.66 -5.11 7.94
CA MET C 151 -19.11 -5.33 6.57
C MET C 151 -19.82 -6.68 6.33
N GLU C 152 -20.58 -7.17 7.33
CA GLU C 152 -21.34 -8.43 7.20
C GLU C 152 -22.78 -8.15 6.78
N GLY C 153 -23.31 -8.98 5.90
CA GLY C 153 -24.68 -8.84 5.43
C GLY C 153 -24.82 -8.29 4.02
N ASN C 154 -26.09 -8.10 3.60
CA ASN C 154 -26.47 -7.61 2.27
C ASN C 154 -26.78 -6.09 2.29
N GLU C 155 -26.50 -5.41 3.42
CA GLU C 155 -26.76 -3.98 3.60
C GLU C 155 -26.14 -3.21 2.43
N GLU C 156 -26.95 -2.35 1.76
CA GLU C 156 -26.56 -1.57 0.59
C GLU C 156 -26.07 -0.18 1.00
N LEU C 157 -24.78 0.07 0.77
CA LEU C 157 -24.14 1.35 1.08
C LEU C 157 -24.28 2.36 -0.04
N THR C 158 -24.25 3.64 0.32
CA THR C 158 -24.31 4.75 -0.62
C THR C 158 -22.93 5.33 -0.76
N PHE C 159 -22.60 5.82 -1.96
CA PHE C 159 -21.27 6.32 -2.29
C PHE C 159 -21.30 7.66 -2.94
N LEU C 160 -20.23 8.45 -2.71
CA LEU C 160 -20.05 9.75 -3.33
C LEU C 160 -18.58 9.99 -3.63
N ALA C 161 -18.25 10.27 -4.91
CA ALA C 161 -16.88 10.60 -5.27
C ALA C 161 -16.71 12.08 -5.14
N VAL C 162 -15.56 12.56 -4.60
CA VAL C 162 -15.27 13.98 -4.40
C VAL C 162 -13.88 14.30 -4.92
N ASP C 163 -13.70 15.42 -5.60
CA ASP C 163 -12.40 15.88 -6.11
C ASP C 163 -12.36 17.39 -6.06
N ILE C 164 -11.15 17.97 -6.14
CA ILE C 164 -10.93 19.42 -6.13
C ILE C 164 -9.85 19.79 -7.14
N GLU C 165 -9.92 21.02 -7.68
CA GLU C 165 -8.89 21.59 -8.53
C GLU C 165 -8.43 22.87 -7.85
N THR C 166 -7.12 23.10 -7.78
CA THR C 166 -6.55 24.27 -7.12
C THR C 166 -5.77 25.13 -8.11
N LEU C 167 -5.57 26.41 -7.76
CA LEU C 167 -4.73 27.32 -8.52
C LEU C 167 -3.28 27.12 -8.02
N TYR C 168 -2.39 26.58 -8.88
CA TYR C 168 -1.01 26.35 -8.49
C TYR C 168 -0.02 27.06 -9.42
N HIS C 169 1.03 27.63 -8.80
CA HIS C 169 2.16 28.32 -9.43
C HIS C 169 3.42 27.68 -8.89
N GLU C 170 4.48 27.62 -9.70
CA GLU C 170 5.72 26.90 -9.38
C GLU C 170 6.32 27.19 -7.98
N GLY C 171 6.46 26.10 -7.21
CA GLY C 171 7.08 26.05 -5.89
C GLY C 171 6.41 26.79 -4.76
N GLU C 172 5.09 26.99 -4.85
CA GLU C 172 4.25 27.67 -3.86
C GLU C 172 4.10 26.83 -2.58
N GLU C 173 3.83 27.49 -1.42
CA GLU C 173 3.59 26.80 -0.15
C GLU C 173 2.27 26.11 -0.23
N PHE C 174 2.16 24.89 0.33
CA PHE C 174 0.91 24.13 0.27
C PHE C 174 -0.25 24.98 0.81
N GLY C 175 -1.26 25.19 -0.03
CA GLY C 175 -2.44 25.97 0.35
C GLY C 175 -2.44 27.45 0.06
N LYS C 176 -1.36 28.02 -0.55
CA LYS C 176 -1.31 29.44 -0.90
C LYS C 176 -2.39 29.76 -1.96
N GLY C 177 -2.46 28.93 -3.00
CA GLY C 177 -3.44 29.09 -4.07
C GLY C 177 -4.83 28.65 -3.65
N PRO C 178 -5.90 29.33 -4.11
CA PRO C 178 -7.25 28.92 -3.70
C PRO C 178 -7.73 27.66 -4.40
N ILE C 179 -8.79 27.04 -3.86
CA ILE C 179 -9.46 25.92 -4.52
C ILE C 179 -10.33 26.62 -5.54
N ILE C 180 -10.30 26.18 -6.79
CA ILE C 180 -11.05 26.88 -7.82
C ILE C 180 -12.25 26.07 -8.29
N MET C 181 -12.20 24.76 -8.11
CA MET C 181 -13.31 23.87 -8.43
C MET C 181 -13.38 22.74 -7.45
N ILE C 182 -14.59 22.30 -7.18
CA ILE C 182 -14.89 21.13 -6.38
C ILE C 182 -15.84 20.29 -7.23
N SER C 183 -15.54 19.03 -7.43
CA SER C 183 -16.40 18.16 -8.20
C SER C 183 -16.77 16.96 -7.36
N TYR C 184 -17.95 16.40 -7.67
CA TYR C 184 -18.50 15.23 -7.02
C TYR C 184 -19.32 14.44 -8.01
N ALA C 185 -19.45 13.14 -7.76
CA ALA C 185 -20.22 12.27 -8.62
C ALA C 185 -20.82 11.13 -7.85
N ASP C 186 -21.99 10.69 -8.30
CA ASP C 186 -22.69 9.52 -7.81
C ASP C 186 -23.54 8.96 -8.97
N GLU C 187 -24.52 8.10 -8.68
CA GLU C 187 -25.34 7.48 -9.72
C GLU C 187 -26.24 8.53 -10.37
N GLU C 188 -26.48 9.67 -9.70
CA GLU C 188 -27.26 10.82 -10.21
C GLU C 188 -26.48 11.63 -11.25
N GLY C 189 -25.16 11.45 -11.31
CA GLY C 189 -24.32 12.16 -12.26
C GLY C 189 -23.15 12.88 -11.61
N ALA C 190 -22.28 13.46 -12.45
CA ALA C 190 -21.11 14.21 -12.03
C ALA C 190 -21.38 15.74 -12.12
N LYS C 191 -21.01 16.47 -11.05
CA LYS C 191 -21.25 17.90 -10.90
C LYS C 191 -19.98 18.66 -10.53
N VAL C 192 -19.94 19.98 -10.80
CA VAL C 192 -18.81 20.88 -10.51
C VAL C 192 -19.34 22.13 -9.79
N ILE C 193 -18.64 22.55 -8.72
CA ILE C 193 -18.92 23.80 -8.00
C ILE C 193 -17.70 24.69 -8.25
N THR C 194 -17.92 25.90 -8.80
CA THR C 194 -16.83 26.84 -9.05
C THR C 194 -17.30 28.25 -8.69
N TRP C 195 -16.35 29.22 -8.60
CA TRP C 195 -16.72 30.59 -8.23
C TRP C 195 -16.35 31.64 -9.29
N LYS C 196 -16.33 31.17 -10.57
CA LYS C 196 -16.18 31.94 -11.81
C LYS C 196 -17.24 31.42 -12.81
N SER C 197 -17.77 32.30 -13.64
CA SER C 197 -18.83 31.99 -14.60
C SER C 197 -18.36 31.04 -15.73
N ILE C 198 -18.98 29.83 -15.78
CA ILE C 198 -18.75 28.79 -16.78
C ILE C 198 -20.12 28.27 -17.22
N ASP C 199 -20.43 28.33 -18.52
CA ASP C 199 -21.76 27.91 -18.97
C ASP C 199 -21.83 26.46 -19.44
N LEU C 200 -21.95 25.54 -18.46
CA LEU C 200 -22.09 24.09 -18.68
C LEU C 200 -23.23 23.54 -17.83
N PRO C 201 -23.98 22.51 -18.32
CA PRO C 201 -25.15 22.03 -17.56
C PRO C 201 -24.81 21.48 -16.17
N TYR C 202 -23.62 20.90 -16.00
CA TYR C 202 -23.20 20.29 -14.76
C TYR C 202 -22.41 21.23 -13.83
N VAL C 203 -22.28 22.53 -14.19
CA VAL C 203 -21.53 23.49 -13.38
C VAL C 203 -22.48 24.37 -12.55
N GLU C 204 -22.23 24.42 -11.22
CA GLU C 204 -22.91 25.27 -10.23
C GLU C 204 -21.96 26.41 -9.94
N VAL C 205 -22.35 27.63 -10.29
CA VAL C 205 -21.49 28.80 -10.09
C VAL C 205 -21.91 29.50 -8.80
N VAL C 206 -20.96 29.62 -7.87
CA VAL C 206 -21.17 30.31 -6.60
C VAL C 206 -20.31 31.58 -6.59
N SER C 207 -20.40 32.35 -5.51
CA SER C 207 -19.78 33.67 -5.46
C SER C 207 -18.32 33.71 -4.98
N SER C 208 -17.89 32.70 -4.21
CA SER C 208 -16.56 32.74 -3.62
C SER C 208 -16.01 31.37 -3.34
N GLU C 209 -14.73 31.30 -2.96
CA GLU C 209 -14.11 30.03 -2.57
C GLU C 209 -14.79 29.55 -1.29
N ARG C 210 -15.12 30.49 -0.39
CA ARG C 210 -15.82 30.22 0.85
C ARG C 210 -17.19 29.57 0.60
N GLU C 211 -18.00 30.14 -0.32
CA GLU C 211 -19.32 29.60 -0.63
C GLU C 211 -19.23 28.23 -1.38
N MET C 212 -18.18 28.00 -2.18
CA MET C 212 -17.96 26.74 -2.90
C MET C 212 -17.66 25.60 -1.90
N ILE C 213 -16.82 25.88 -0.87
CA ILE C 213 -16.46 24.91 0.17
C ILE C 213 -17.72 24.59 1.02
N LYS C 214 -18.53 25.61 1.37
CA LYS C 214 -19.78 25.46 2.11
C LYS C 214 -20.79 24.62 1.31
N ARG C 215 -20.80 24.74 -0.03
CA ARG C 215 -21.68 23.98 -0.93
C ARG C 215 -21.28 22.47 -0.91
N LEU C 216 -19.96 22.17 -0.89
CA LEU C 216 -19.49 20.80 -0.79
C LEU C 216 -19.95 20.19 0.55
N VAL C 217 -19.81 20.96 1.67
CA VAL C 217 -20.29 20.55 2.99
C VAL C 217 -21.78 20.23 2.91
N LYS C 218 -22.58 21.08 2.25
CA LYS C 218 -24.04 20.91 2.10
C LYS C 218 -24.41 19.66 1.27
N VAL C 219 -23.66 19.40 0.19
CA VAL C 219 -23.87 18.25 -0.69
C VAL C 219 -23.63 16.96 0.10
N ILE C 220 -22.54 16.91 0.88
CA ILE C 220 -22.16 15.74 1.68
C ILE C 220 -23.20 15.47 2.78
N ARG C 221 -23.65 16.50 3.49
CA ARG C 221 -24.62 16.33 4.57
C ARG C 221 -25.98 15.91 4.02
N GLU C 222 -26.37 16.42 2.85
CA GLU C 222 -27.67 16.11 2.22
C GLU C 222 -27.69 14.73 1.59
N LYS C 223 -26.63 14.35 0.87
CA LYS C 223 -26.56 13.04 0.23
C LYS C 223 -26.34 11.95 1.28
N ASP C 224 -25.70 12.35 2.42
CA ASP C 224 -25.32 11.52 3.57
C ASP C 224 -24.71 10.18 3.08
N PRO C 225 -23.62 10.23 2.26
CA PRO C 225 -23.07 8.97 1.76
C PRO C 225 -22.41 8.18 2.88
N ASP C 226 -22.49 6.86 2.77
CA ASP C 226 -21.83 5.98 3.72
C ASP C 226 -20.36 5.95 3.39
N VAL C 227 -20.02 6.11 2.09
CA VAL C 227 -18.64 6.06 1.58
C VAL C 227 -18.26 7.31 0.76
N ILE C 228 -17.14 7.93 1.12
CA ILE C 228 -16.63 9.07 0.35
C ILE C 228 -15.38 8.58 -0.37
N ILE C 229 -15.45 8.57 -1.72
CA ILE C 229 -14.39 8.12 -2.62
C ILE C 229 -13.56 9.30 -3.11
N THR C 230 -12.23 9.19 -2.98
CA THR C 230 -11.28 10.18 -3.47
C THR C 230 -10.17 9.46 -4.13
N TYR C 231 -9.41 10.19 -4.92
CA TYR C 231 -8.20 9.73 -5.53
C TYR C 231 -7.12 10.59 -4.91
N ASN C 232 -6.43 10.01 -3.94
CA ASN C 232 -5.36 10.63 -3.15
C ASN C 232 -5.90 11.81 -2.29
N GLY C 233 -7.11 11.65 -1.78
CA GLY C 233 -7.72 12.64 -0.90
C GLY C 233 -7.06 12.68 0.47
N ASP C 234 -6.29 11.64 0.83
CA ASP C 234 -5.58 11.58 2.10
C ASP C 234 -4.48 12.64 2.14
N ASN C 235 -3.83 12.89 0.99
CA ASN C 235 -2.69 13.79 0.89
C ASN C 235 -2.95 15.05 0.14
N PHE C 236 -3.97 15.07 -0.73
CA PHE C 236 -4.23 16.30 -1.46
C PHE C 236 -5.60 16.91 -1.12
N ALA C 237 -6.72 16.39 -1.66
CA ALA C 237 -8.04 17.00 -1.51
C ALA C 237 -8.41 17.38 -0.09
N PHE C 238 -8.36 16.44 0.89
CA PHE C 238 -8.81 16.79 2.23
C PHE C 238 -7.81 17.69 2.97
N PRO C 239 -6.47 17.47 2.97
CA PRO C 239 -5.57 18.43 3.62
C PRO C 239 -5.71 19.85 3.08
N TYR C 240 -5.94 19.98 1.75
CA TYR C 240 -6.08 21.26 1.06
C TYR C 240 -7.39 21.93 1.48
N LEU C 241 -8.52 21.17 1.47
CA LEU C 241 -9.83 21.65 1.90
C LEU C 241 -9.75 22.16 3.33
N LEU C 242 -9.09 21.41 4.22
CA LEU C 242 -8.89 21.75 5.63
C LEU C 242 -8.03 23.00 5.79
N LYS C 243 -6.96 23.15 4.98
CA LYS C 243 -6.07 24.30 5.02
C LYS C 243 -6.83 25.56 4.58
N ARG C 244 -7.58 25.46 3.44
CA ARG C 244 -8.35 26.58 2.91
C ARG C 244 -9.53 26.92 3.84
N ALA C 245 -10.19 25.92 4.43
CA ALA C 245 -11.28 26.14 5.40
C ALA C 245 -10.74 26.90 6.62
N GLU C 246 -9.48 26.62 7.03
CA GLU C 246 -8.82 27.28 8.16
C GLU C 246 -8.57 28.77 7.86
N LYS C 247 -7.96 29.05 6.68
CA LYS C 247 -7.65 30.41 6.19
C LYS C 247 -8.93 31.28 6.09
N LEU C 248 -10.06 30.63 5.71
CA LEU C 248 -11.37 31.22 5.45
C LEU C 248 -12.27 31.27 6.69
N GLY C 249 -11.82 30.69 7.81
CA GLY C 249 -12.57 30.69 9.07
C GLY C 249 -13.91 30.00 8.99
N ILE C 250 -13.94 28.81 8.35
CA ILE C 250 -15.14 28.00 8.20
C ILE C 250 -14.86 26.57 8.64
N LYS C 251 -15.88 25.90 9.14
CA LYS C 251 -15.78 24.53 9.60
C LYS C 251 -16.19 23.56 8.46
N LEU C 252 -15.75 22.31 8.55
CA LEU C 252 -16.09 21.24 7.61
C LEU C 252 -16.81 20.13 8.38
N PRO C 253 -18.08 20.34 8.85
CA PRO C 253 -18.75 19.28 9.63
C PRO C 253 -19.21 18.09 8.76
N LEU C 254 -18.21 17.31 8.28
CA LEU C 254 -18.43 16.19 7.37
C LEU C 254 -18.72 14.87 8.10
N GLY C 255 -18.33 14.78 9.39
CA GLY C 255 -18.60 13.62 10.23
C GLY C 255 -20.07 13.52 10.55
N ARG C 256 -20.60 12.30 10.73
CA ARG C 256 -22.03 12.12 11.01
C ARG C 256 -22.42 12.59 12.43
N ASP C 257 -21.40 12.95 13.24
CA ASP C 257 -21.52 13.51 14.58
C ASP C 257 -21.14 15.02 14.53
N ASN C 258 -21.05 15.58 13.28
CA ASN C 258 -20.68 16.96 12.87
C ASN C 258 -19.20 17.31 13.09
N SER C 259 -18.34 16.30 13.22
CA SER C 259 -16.91 16.53 13.42
C SER C 259 -16.21 16.80 12.07
N GLU C 260 -15.06 17.48 12.12
CA GLU C 260 -14.29 17.80 10.92
C GLU C 260 -13.44 16.61 10.46
N PRO C 261 -13.13 16.43 9.12
CA PRO C 261 -12.24 15.33 8.72
C PRO C 261 -10.92 15.36 9.51
N LYS C 262 -10.47 14.21 10.00
CA LYS C 262 -9.29 14.15 10.86
C LYS C 262 -8.07 13.59 10.14
N MET C 263 -7.01 14.42 10.08
CA MET C 263 -5.72 14.06 9.48
C MET C 263 -4.93 13.27 10.47
N GLN C 264 -4.47 12.09 10.02
CA GLN C 264 -3.71 11.13 10.79
C GLN C 264 -2.36 10.95 10.11
N ARG C 265 -1.27 10.84 10.90
CA ARG C 265 0.06 10.63 10.36
C ARG C 265 0.32 9.12 10.15
N MET C 266 0.33 8.67 8.88
CA MET C 266 0.59 7.28 8.48
C MET C 266 1.93 7.26 7.74
N GLY C 267 2.98 6.81 8.42
CA GLY C 267 4.34 6.80 7.88
C GLY C 267 4.85 8.24 7.87
N ASP C 268 5.10 8.79 6.66
CA ASP C 268 5.53 10.18 6.47
C ASP C 268 4.41 10.96 5.79
N SER C 269 3.47 10.22 5.16
CA SER C 269 2.30 10.73 4.45
C SER C 269 1.09 10.89 5.41
N LEU C 270 -0.11 11.20 4.88
CA LEU C 270 -1.28 11.40 5.71
C LEU C 270 -2.39 10.40 5.42
N ALA C 271 -3.34 10.31 6.33
CA ALA C 271 -4.56 9.50 6.21
C ALA C 271 -5.71 10.31 6.79
N VAL C 272 -6.80 10.46 6.04
CA VAL C 272 -7.90 11.27 6.53
C VAL C 272 -9.13 10.40 6.83
N ALA C 273 -9.66 10.52 8.06
CA ALA C 273 -10.89 9.83 8.46
C ALA C 273 -12.03 10.83 8.63
N ILE C 274 -13.26 10.41 8.28
CA ILE C 274 -14.53 11.16 8.40
C ILE C 274 -15.43 10.27 9.26
N LYS C 275 -15.69 10.67 10.51
CA LYS C 275 -16.43 9.84 11.49
C LYS C 275 -17.84 9.51 11.06
N GLY C 276 -18.19 8.24 11.27
CA GLY C 276 -19.48 7.67 10.91
C GLY C 276 -19.58 7.28 9.45
N ARG C 277 -18.50 7.55 8.63
CA ARG C 277 -18.42 7.26 7.19
C ARG C 277 -17.16 6.51 6.88
N ILE C 278 -17.06 6.01 5.62
CA ILE C 278 -15.84 5.38 5.18
C ILE C 278 -15.17 6.30 4.15
N HIS C 279 -14.03 6.95 4.50
CA HIS C 279 -13.29 7.72 3.49
C HIS C 279 -12.43 6.70 2.73
N PHE C 280 -12.86 6.39 1.50
CA PHE C 280 -12.21 5.37 0.71
C PHE C 280 -11.31 5.99 -0.30
N ASP C 281 -10.01 6.04 0.02
CA ASP C 281 -9.03 6.65 -0.88
C ASP C 281 -8.51 5.55 -1.77
N LEU C 282 -8.81 5.67 -3.06
CA LEU C 282 -8.42 4.71 -4.09
C LEU C 282 -6.92 4.60 -4.33
N PHE C 283 -6.16 5.70 -4.11
CA PHE C 283 -4.72 5.78 -4.36
C PHE C 283 -3.93 4.64 -3.68
N PRO C 284 -3.94 4.41 -2.33
CA PRO C 284 -3.24 3.24 -1.77
C PRO C 284 -3.77 1.90 -2.30
N VAL C 285 -5.11 1.79 -2.55
CA VAL C 285 -5.77 0.58 -3.04
C VAL C 285 -5.24 0.18 -4.44
N ILE C 286 -5.33 1.08 -5.42
CA ILE C 286 -4.92 0.84 -6.80
C ILE C 286 -3.41 0.57 -6.85
N ARG C 287 -2.60 1.31 -6.08
CA ARG C 287 -1.15 1.13 -6.00
C ARG C 287 -0.78 -0.31 -5.61
N ARG C 288 -1.53 -0.94 -4.71
CA ARG C 288 -1.33 -2.33 -4.26
C ARG C 288 -1.84 -3.36 -5.27
N THR C 289 -3.00 -3.06 -5.87
CA THR C 289 -3.74 -3.99 -6.73
C THR C 289 -3.16 -4.09 -8.12
N ILE C 290 -2.77 -2.95 -8.75
CA ILE C 290 -2.27 -3.04 -10.13
C ILE C 290 -0.86 -2.43 -10.26
N ASN C 291 -0.11 -2.92 -11.24
CA ASN C 291 1.27 -2.52 -11.51
C ASN C 291 1.34 -1.57 -12.72
N LEU C 292 1.70 -0.31 -12.46
CA LEU C 292 1.87 0.77 -13.45
C LEU C 292 3.11 1.60 -13.14
N PRO C 293 3.80 2.20 -14.14
CA PRO C 293 4.96 3.08 -13.83
C PRO C 293 4.51 4.40 -13.15
N THR C 294 3.30 4.90 -13.52
CA THR C 294 2.66 6.08 -12.92
C THR C 294 1.21 5.81 -12.56
N TYR C 295 0.81 6.35 -11.42
CA TYR C 295 -0.53 6.19 -10.93
C TYR C 295 -1.30 7.51 -11.08
N THR C 296 -1.30 8.05 -12.32
CA THR C 296 -2.12 9.21 -12.67
C THR C 296 -3.53 8.66 -12.86
N LEU C 297 -4.58 9.45 -12.52
CA LEU C 297 -5.96 9.01 -12.67
C LEU C 297 -6.24 8.50 -14.11
N GLU C 298 -5.71 9.20 -15.12
CA GLU C 298 -5.80 8.91 -16.57
C GLU C 298 -5.20 7.52 -16.91
N ALA C 299 -4.01 7.20 -16.34
CA ALA C 299 -3.34 5.92 -16.56
C ALA C 299 -4.12 4.79 -15.92
N VAL C 300 -4.60 5.03 -14.71
CA VAL C 300 -5.37 4.07 -13.90
C VAL C 300 -6.72 3.76 -14.59
N TYR C 301 -7.47 4.81 -14.98
CA TYR C 301 -8.76 4.65 -15.64
C TYR C 301 -8.60 3.82 -16.93
N GLU C 302 -7.59 4.16 -17.77
CA GLU C 302 -7.33 3.44 -19.03
C GLU C 302 -6.96 1.98 -18.76
N ALA C 303 -6.18 1.72 -17.71
CA ALA C 303 -5.77 0.37 -17.34
C ALA C 303 -6.96 -0.53 -16.92
N ILE C 304 -7.94 0.03 -16.18
CA ILE C 304 -9.07 -0.73 -15.66
C ILE C 304 -10.24 -0.85 -16.66
N PHE C 305 -10.59 0.27 -17.34
CA PHE C 305 -11.74 0.32 -18.25
C PHE C 305 -11.40 0.41 -19.74
N GLY C 306 -10.11 0.41 -20.07
CA GLY C 306 -9.64 0.47 -21.44
C GLY C 306 -10.14 1.67 -22.24
N LYS C 307 -10.39 2.80 -21.53
CA LYS C 307 -10.86 4.04 -22.14
C LYS C 307 -9.92 5.18 -21.83
N SER C 308 -9.71 6.05 -22.82
CA SER C 308 -8.82 7.20 -22.70
C SER C 308 -9.48 8.35 -21.89
N LYS C 309 -8.65 9.10 -21.14
CA LYS C 309 -9.05 10.25 -20.32
C LYS C 309 -8.08 11.40 -20.58
N GLU C 310 -8.62 12.61 -20.82
CA GLU C 310 -7.77 13.78 -21.09
C GLU C 310 -7.24 14.41 -19.80
N LYS C 311 -5.96 14.86 -19.82
CA LYS C 311 -5.35 15.55 -18.69
C LYS C 311 -5.24 17.01 -19.01
N VAL C 312 -5.54 17.83 -18.01
CA VAL C 312 -5.38 19.27 -18.10
C VAL C 312 -4.34 19.59 -17.01
N TYR C 313 -3.12 19.97 -17.43
CA TYR C 313 -2.02 20.22 -16.51
C TYR C 313 -2.19 21.52 -15.72
N ALA C 314 -1.58 21.56 -14.51
CA ALA C 314 -1.66 22.66 -13.54
C ALA C 314 -1.43 24.05 -14.16
N HIS C 315 -0.42 24.19 -15.03
CA HIS C 315 -0.10 25.45 -15.71
C HIS C 315 -1.24 25.89 -16.67
N GLU C 316 -1.95 24.93 -17.32
CA GLU C 316 -3.09 25.20 -18.21
C GLU C 316 -4.31 25.67 -17.40
N ILE C 317 -4.51 25.06 -16.20
CA ILE C 317 -5.59 25.39 -15.28
C ILE C 317 -5.38 26.82 -14.75
N ALA C 318 -4.12 27.17 -14.39
CA ALA C 318 -3.74 28.50 -13.91
C ALA C 318 -4.00 29.56 -14.99
N GLU C 319 -3.59 29.28 -16.25
CA GLU C 319 -3.75 30.20 -17.37
C GLU C 319 -5.23 30.46 -17.63
N ALA C 320 -6.06 29.40 -17.67
CA ALA C 320 -7.50 29.48 -17.90
C ALA C 320 -8.19 30.26 -16.81
N TRP C 321 -7.85 29.98 -15.54
CA TRP C 321 -8.46 30.68 -14.41
C TRP C 321 -8.11 32.18 -14.40
N GLU C 322 -6.82 32.51 -14.60
CA GLU C 322 -6.31 33.88 -14.55
C GLU C 322 -6.78 34.73 -15.73
N THR C 323 -6.85 34.13 -16.95
CA THR C 323 -7.30 34.78 -18.20
C THR C 323 -8.83 34.79 -18.31
N GLY C 324 -9.46 33.74 -17.78
CA GLY C 324 -10.91 33.57 -17.86
C GLY C 324 -11.31 32.91 -19.17
N LYS C 325 -10.31 32.58 -20.01
CA LYS C 325 -10.46 31.91 -21.32
C LYS C 325 -10.14 30.43 -21.20
N GLY C 326 -10.96 29.60 -21.87
CA GLY C 326 -10.81 28.14 -21.86
C GLY C 326 -11.14 27.47 -20.55
N LEU C 327 -12.12 28.02 -19.80
CA LEU C 327 -12.55 27.48 -18.51
C LEU C 327 -13.48 26.27 -18.65
N GLU C 328 -14.20 26.17 -19.78
CA GLU C 328 -15.10 25.05 -20.09
C GLU C 328 -14.31 23.73 -20.14
N ARG C 329 -13.05 23.80 -20.66
CA ARG C 329 -12.14 22.66 -20.76
C ARG C 329 -11.73 22.19 -19.37
N VAL C 330 -11.41 23.15 -18.46
CA VAL C 330 -11.01 22.89 -17.07
C VAL C 330 -12.18 22.27 -16.28
N ALA C 331 -13.42 22.83 -16.42
CA ALA C 331 -14.59 22.28 -15.74
C ALA C 331 -14.93 20.86 -16.23
N LYS C 332 -14.68 20.55 -17.53
CA LYS C 332 -14.96 19.21 -18.07
C LYS C 332 -13.99 18.19 -17.44
N TYR C 333 -12.72 18.62 -17.26
CA TYR C 333 -11.67 17.83 -16.65
C TYR C 333 -12.02 17.53 -15.18
N SER C 334 -12.46 18.54 -14.43
CA SER C 334 -12.85 18.43 -13.02
C SER C 334 -14.03 17.46 -12.90
N MET C 335 -15.05 17.60 -13.78
CA MET C 335 -16.24 16.75 -13.81
C MET C 335 -15.85 15.29 -14.07
N GLU C 336 -14.94 15.05 -15.05
CA GLU C 336 -14.50 13.71 -15.42
C GLU C 336 -13.71 13.06 -14.30
N ASP C 337 -12.84 13.82 -13.60
CA ASP C 337 -12.08 13.35 -12.44
C ASP C 337 -13.02 12.75 -11.41
N ALA C 338 -14.16 13.41 -11.09
CA ALA C 338 -15.19 12.89 -10.15
C ALA C 338 -15.89 11.67 -10.73
N LYS C 339 -16.32 11.74 -12.01
CA LYS C 339 -17.04 10.68 -12.72
C LYS C 339 -16.20 9.40 -12.74
N VAL C 340 -14.92 9.49 -13.11
CA VAL C 340 -14.08 8.31 -13.17
C VAL C 340 -13.69 7.85 -11.77
N THR C 341 -13.61 8.78 -10.76
CA THR C 341 -13.28 8.43 -9.38
C THR C 341 -14.43 7.60 -8.85
N PHE C 342 -15.70 7.96 -9.24
CA PHE C 342 -16.88 7.21 -8.84
C PHE C 342 -16.86 5.80 -9.43
N GLU C 343 -16.53 5.66 -10.72
CA GLU C 343 -16.49 4.40 -11.45
C GLU C 343 -15.40 3.50 -10.92
N LEU C 344 -14.28 4.09 -10.56
CA LEU C 344 -13.17 3.30 -10.02
C LEU C 344 -13.48 2.82 -8.57
N GLY C 345 -14.09 3.67 -7.77
CA GLY C 345 -14.49 3.34 -6.40
C GLY C 345 -15.46 2.19 -6.34
N LYS C 346 -16.40 2.17 -7.28
CA LYS C 346 -17.41 1.12 -7.39
C LYS C 346 -16.78 -0.18 -7.88
N GLU C 347 -15.68 -0.06 -8.65
CA GLU C 347 -14.95 -1.21 -9.16
C GLU C 347 -14.13 -1.87 -8.04
N PHE C 348 -13.40 -1.08 -7.25
CA PHE C 348 -12.46 -1.55 -6.23
C PHE C 348 -12.99 -1.73 -4.81
N PHE C 349 -14.14 -1.11 -4.44
CA PHE C 349 -14.67 -1.24 -3.08
C PHE C 349 -15.16 -2.66 -2.72
N PRO C 350 -15.88 -3.41 -3.59
CA PRO C 350 -16.38 -4.74 -3.18
C PRO C 350 -15.32 -5.67 -2.61
N MET C 351 -14.12 -5.69 -3.19
CA MET C 351 -12.99 -6.51 -2.74
C MET C 351 -12.44 -6.03 -1.40
N GLU C 352 -12.35 -4.69 -1.22
CA GLU C 352 -11.86 -4.11 0.04
C GLU C 352 -12.85 -4.42 1.15
N ALA C 353 -14.16 -4.39 0.82
CA ALA C 353 -15.23 -4.72 1.77
C ALA C 353 -15.17 -6.19 2.17
N GLN C 354 -14.78 -7.11 1.26
CA GLN C 354 -14.71 -8.53 1.64
C GLN C 354 -13.45 -8.83 2.41
N LEU C 355 -12.40 -8.07 2.18
CA LEU C 355 -11.15 -8.26 2.94
C LEU C 355 -11.36 -7.76 4.37
N ALA C 356 -12.06 -6.63 4.52
CA ALA C 356 -12.43 -6.05 5.82
C ALA C 356 -13.11 -7.08 6.70
N ARG C 357 -14.19 -7.69 6.15
CA ARG C 357 -15.04 -8.71 6.75
C ARG C 357 -14.21 -9.93 7.12
N LEU C 358 -13.33 -10.39 6.20
CA LEU C 358 -12.49 -11.58 6.40
C LEU C 358 -11.47 -11.39 7.55
N VAL C 359 -10.84 -10.20 7.66
CA VAL C 359 -9.86 -9.92 8.73
C VAL C 359 -10.57 -9.36 10.00
N GLY C 360 -11.82 -8.93 9.84
CA GLY C 360 -12.60 -8.40 10.96
C GLY C 360 -12.13 -7.05 11.46
N GLN C 361 -11.73 -6.16 10.53
CA GLN C 361 -11.33 -4.80 10.82
C GLN C 361 -12.00 -3.85 9.80
N PRO C 362 -12.24 -2.54 10.14
CA PRO C 362 -12.94 -1.65 9.20
C PRO C 362 -12.22 -1.42 7.87
N VAL C 363 -13.00 -1.18 6.79
CA VAL C 363 -12.50 -0.90 5.43
C VAL C 363 -11.48 0.23 5.46
N TRP C 364 -11.72 1.27 6.26
CA TRP C 364 -10.82 2.41 6.34
C TRP C 364 -9.37 1.94 6.58
N ALA C 365 -9.19 1.10 7.62
CA ALA C 365 -7.89 0.55 8.01
C ALA C 365 -7.37 -0.46 7.00
N VAL C 366 -8.23 -1.39 6.56
CA VAL C 366 -7.92 -2.51 5.64
C VAL C 366 -7.50 -1.99 4.25
N SER C 367 -8.22 -0.99 3.71
CA SER C 367 -7.88 -0.40 2.41
C SER C 367 -6.49 0.29 2.42
N ARG C 368 -5.99 0.67 3.61
CA ARG C 368 -4.71 1.35 3.76
C ARG C 368 -3.59 0.42 4.29
N SER C 369 -3.82 -0.93 4.34
CA SER C 369 -2.88 -1.89 4.90
C SER C 369 -2.19 -2.74 3.88
N SER C 370 -1.00 -3.20 4.27
CA SER C 370 -0.22 -4.18 3.54
C SER C 370 -0.84 -5.54 3.82
N THR C 371 -0.60 -6.56 3.01
CA THR C 371 -1.15 -7.88 3.31
C THR C 371 -0.55 -8.44 4.61
N GLY C 372 0.69 -8.08 4.94
CA GLY C 372 1.32 -8.50 6.19
C GLY C 372 0.53 -8.04 7.39
N ASN C 373 0.04 -6.80 7.37
CA ASN C 373 -0.76 -6.26 8.46
C ASN C 373 -2.19 -6.87 8.44
N LEU C 374 -2.72 -7.27 7.26
CA LEU C 374 -4.02 -7.95 7.15
C LEU C 374 -3.93 -9.30 7.83
N VAL C 375 -2.85 -10.06 7.60
CA VAL C 375 -2.58 -11.36 8.21
C VAL C 375 -2.49 -11.17 9.73
N GLU C 376 -1.74 -10.17 10.21
CA GLU C 376 -1.64 -9.94 11.65
C GLU C 376 -2.96 -9.66 12.33
N TRP C 377 -3.87 -8.90 11.69
CA TRP C 377 -5.17 -8.62 12.26
C TRP C 377 -6.06 -9.85 12.26
N PHE C 378 -5.90 -10.73 11.26
CA PHE C 378 -6.63 -11.98 11.18
C PHE C 378 -6.17 -12.89 12.30
N LEU C 379 -4.83 -12.94 12.51
CA LEU C 379 -4.19 -13.76 13.54
C LEU C 379 -4.55 -13.29 14.95
N LEU C 380 -4.59 -11.98 15.18
CA LEU C 380 -4.92 -11.43 16.49
C LEU C 380 -6.34 -11.80 16.90
N ARG C 381 -7.29 -11.75 15.97
CA ARG C 381 -8.69 -12.11 16.23
C ARG C 381 -8.81 -13.62 16.51
N LYS C 382 -8.15 -14.42 15.67
CA LYS C 382 -8.14 -15.88 15.80
C LYS C 382 -7.43 -16.31 17.08
N ALA C 383 -6.41 -15.53 17.53
CA ALA C 383 -5.71 -15.79 18.78
C ALA C 383 -6.69 -15.62 19.96
N TYR C 384 -7.51 -14.54 19.97
CA TYR C 384 -8.49 -14.33 21.04
C TYR C 384 -9.50 -15.49 21.05
N GLU C 385 -10.05 -15.87 19.86
CA GLU C 385 -11.02 -16.97 19.70
C GLU C 385 -10.49 -18.30 20.23
N ARG C 386 -9.17 -18.56 20.07
CA ARG C 386 -8.51 -19.81 20.44
C ARG C 386 -7.76 -19.76 21.76
N ASN C 387 -7.95 -18.69 22.54
CA ASN C 387 -7.31 -18.43 23.83
C ASN C 387 -5.81 -18.50 23.69
N GLU C 388 -5.27 -17.92 22.61
CA GLU C 388 -3.81 -17.94 22.38
C GLU C 388 -3.23 -16.56 22.62
N LEU C 389 -2.26 -16.49 23.53
CA LEU C 389 -1.54 -15.27 23.86
C LEU C 389 -0.73 -14.85 22.62
N ALA C 390 -0.91 -13.60 22.18
CA ALA C 390 -0.22 -13.12 20.99
C ALA C 390 1.22 -12.71 21.27
N PRO C 391 2.18 -13.05 20.40
CA PRO C 391 3.56 -12.58 20.61
C PRO C 391 3.61 -11.09 20.37
N ASN C 392 4.64 -10.45 20.92
CA ASN C 392 4.83 -9.03 20.77
C ASN C 392 5.52 -8.71 19.46
N LYS C 393 5.38 -7.46 19.02
CA LYS C 393 6.07 -6.94 17.85
C LYS C 393 7.54 -6.83 18.25
N PRO C 394 8.50 -6.90 17.33
CA PRO C 394 9.90 -6.82 17.76
C PRO C 394 10.29 -5.44 18.28
N ASP C 395 11.35 -5.36 19.10
CA ASP C 395 11.90 -4.07 19.51
C ASP C 395 12.81 -3.59 18.34
N GLU C 396 13.37 -2.36 18.38
CA GLU C 396 14.23 -1.84 17.29
C GLU C 396 15.38 -2.81 17.00
N ARG C 397 16.02 -3.35 18.08
CA ARG C 397 17.13 -4.30 18.04
C ARG C 397 16.72 -5.60 17.31
N GLU C 398 15.61 -6.25 17.72
CA GLU C 398 15.09 -7.47 17.11
C GLU C 398 14.62 -7.23 15.68
N TYR C 399 13.96 -6.09 15.40
CA TYR C 399 13.50 -5.75 14.05
C TYR C 399 14.68 -5.69 13.08
N GLU C 400 15.82 -5.05 13.48
CA GLU C 400 17.07 -4.88 12.70
C GLU C 400 17.75 -6.23 12.47
N ARG C 401 17.85 -7.06 13.54
CA ARG C 401 18.44 -8.41 13.50
C ARG C 401 17.71 -9.31 12.48
N ARG C 402 16.37 -9.22 12.41
CA ARG C 402 15.54 -9.96 11.46
C ARG C 402 15.84 -9.53 10.03
N LEU C 403 16.02 -8.20 9.81
CA LEU C 403 16.36 -7.64 8.50
C LEU C 403 17.77 -8.10 8.05
N ARG C 404 18.67 -8.41 9.03
CA ARG C 404 20.04 -8.89 8.83
C ARG C 404 20.10 -10.41 8.53
N GLU C 405 19.13 -11.21 9.00
CA GLU C 405 19.02 -12.66 8.78
C GLU C 405 18.92 -12.99 7.28
N SER C 406 19.66 -14.04 6.85
CA SER C 406 19.71 -14.52 5.47
C SER C 406 19.03 -15.89 5.31
N LYS C 413 18.01 -19.83 -12.07
CA LYS C 413 17.98 -19.01 -10.86
C LYS C 413 18.41 -17.56 -11.18
N GLU C 414 19.56 -17.42 -11.88
CA GLU C 414 20.04 -16.14 -12.40
C GLU C 414 19.33 -15.94 -13.76
N PRO C 415 18.67 -14.80 -14.07
CA PRO C 415 17.94 -14.74 -15.35
C PRO C 415 18.79 -14.91 -16.60
N GLU C 416 18.11 -15.32 -17.68
CA GLU C 416 18.70 -15.43 -19.01
C GLU C 416 18.88 -14.02 -19.57
N LYS C 417 20.03 -13.73 -20.14
CA LYS C 417 20.33 -12.43 -20.75
C LYS C 417 19.62 -12.31 -22.11
N GLY C 418 19.59 -11.08 -22.62
CA GLY C 418 19.02 -10.84 -23.93
C GLY C 418 17.54 -10.60 -23.97
N LEU C 419 17.06 -10.34 -25.18
CA LEU C 419 15.67 -10.01 -25.45
C LEU C 419 14.97 -11.24 -25.94
N TRP C 420 13.90 -11.59 -25.23
CA TRP C 420 13.14 -12.79 -25.53
C TRP C 420 11.77 -12.42 -26.06
N GLU C 421 11.26 -13.23 -26.99
CA GLU C 421 9.95 -13.07 -27.60
C GLU C 421 9.02 -14.20 -27.20
N GLY C 422 7.73 -13.91 -27.12
CA GLY C 422 6.69 -14.87 -26.77
C GLY C 422 6.90 -15.47 -25.40
N ILE C 423 6.76 -14.65 -24.36
CA ILE C 423 7.01 -15.04 -22.98
C ILE C 423 5.74 -15.41 -22.29
N VAL C 424 5.74 -16.57 -21.68
CA VAL C 424 4.61 -17.07 -20.93
C VAL C 424 4.92 -16.88 -19.42
N SER C 425 3.91 -16.41 -18.64
CA SER C 425 4.08 -16.18 -17.19
C SER C 425 3.27 -17.19 -16.37
N LEU C 426 3.96 -17.94 -15.46
CA LEU C 426 3.37 -18.93 -14.54
C LEU C 426 3.55 -18.51 -13.10
N ASP C 427 2.48 -18.61 -12.31
CA ASP C 427 2.46 -18.19 -10.91
C ASP C 427 2.47 -19.41 -9.94
N PHE C 428 3.38 -19.39 -8.96
CA PHE C 428 3.55 -20.47 -7.97
C PHE C 428 2.86 -20.25 -6.65
N ARG C 429 2.45 -19.02 -6.31
CA ARG C 429 1.95 -18.58 -5.00
C ARG C 429 0.89 -19.45 -4.34
N SER C 430 0.01 -20.11 -5.11
CA SER C 430 -1.05 -20.94 -4.55
C SER C 430 -0.54 -22.35 -4.12
N LEU C 431 0.79 -22.52 -4.09
CA LEU C 431 1.49 -23.74 -3.69
C LEU C 431 1.77 -23.76 -2.18
N TYR C 432 2.27 -22.64 -1.66
CA TYR C 432 2.72 -22.41 -0.30
C TYR C 432 1.66 -22.63 0.82
N PRO C 433 0.40 -22.17 0.76
CA PRO C 433 -0.53 -22.48 1.87
C PRO C 433 -0.65 -24.00 2.09
N SER C 434 -0.72 -24.77 0.99
CA SER C 434 -0.79 -26.21 1.07
C SER C 434 0.46 -26.80 1.74
N ILE C 435 1.64 -26.22 1.49
CA ILE C 435 2.89 -26.72 2.09
C ILE C 435 2.87 -26.47 3.62
N ILE C 436 2.40 -25.29 4.03
CA ILE C 436 2.31 -24.87 5.44
C ILE C 436 1.39 -25.82 6.21
N ILE C 437 0.25 -26.18 5.60
CA ILE C 437 -0.72 -27.06 6.23
C ILE C 437 -0.18 -28.51 6.35
N THR C 438 0.26 -29.12 5.25
CA THR C 438 0.71 -30.52 5.25
C THR C 438 1.94 -30.75 6.10
N HIS C 439 2.83 -29.77 6.15
CA HIS C 439 4.05 -29.95 6.94
C HIS C 439 3.93 -29.32 8.31
N ASN C 440 2.74 -28.77 8.66
CA ASN C 440 2.43 -28.17 9.97
C ASN C 440 3.47 -27.15 10.36
N VAL C 441 3.81 -26.25 9.40
CA VAL C 441 4.84 -25.24 9.53
C VAL C 441 4.26 -24.09 10.31
N SER C 442 4.75 -23.92 11.54
CA SER C 442 4.28 -22.89 12.45
C SER C 442 5.32 -22.59 13.50
N PRO C 443 5.44 -21.34 13.99
CA PRO C 443 6.45 -21.06 15.01
C PRO C 443 6.26 -21.88 16.28
N ASP C 444 5.00 -22.27 16.60
CA ASP C 444 4.63 -23.10 17.76
C ASP C 444 4.93 -24.57 17.57
N THR C 445 5.30 -25.03 16.35
CA THR C 445 5.62 -26.46 16.14
C THR C 445 7.10 -26.62 15.86
N LEU C 446 7.82 -25.53 15.63
CA LEU C 446 9.25 -25.56 15.33
C LEU C 446 10.09 -26.02 16.53
N ASN C 447 10.99 -27.01 16.27
CA ASN C 447 11.97 -27.66 17.15
C ASN C 447 11.45 -27.84 18.58
N ARG C 448 10.28 -28.50 18.72
CA ARG C 448 9.67 -28.78 20.03
C ARG C 448 10.39 -29.90 20.76
N GLU C 449 10.67 -29.73 22.07
CA GLU C 449 11.30 -30.78 22.85
C GLU C 449 10.29 -31.84 23.16
N ASN C 450 10.76 -33.11 23.22
CA ASN C 450 10.03 -34.35 23.51
C ASN C 450 8.86 -34.55 22.52
N CYS C 451 9.15 -34.22 21.27
CA CYS C 451 8.21 -34.36 20.17
C CYS C 451 8.28 -35.80 19.67
N LYS C 452 7.12 -36.46 19.46
CA LYS C 452 7.07 -37.87 19.06
C LYS C 452 7.28 -38.06 17.56
N GLU C 453 6.64 -37.24 16.71
CA GLU C 453 6.75 -37.31 15.25
C GLU C 453 6.96 -35.93 14.69
N TYR C 454 7.90 -35.76 13.77
CA TYR C 454 8.16 -34.45 13.19
C TYR C 454 8.48 -34.53 11.71
N ASP C 455 8.25 -33.39 11.02
CA ASP C 455 8.61 -33.20 9.62
C ASP C 455 9.89 -32.41 9.60
N VAL C 456 10.85 -32.86 8.80
CA VAL C 456 12.15 -32.23 8.64
C VAL C 456 12.13 -31.53 7.29
N ALA C 457 12.48 -30.24 7.25
CA ALA C 457 12.55 -29.49 6.01
C ALA C 457 13.79 -29.94 5.20
N PRO C 458 13.68 -30.15 3.86
CA PRO C 458 14.87 -30.55 3.08
C PRO C 458 15.95 -29.46 3.12
N GLN C 459 17.25 -29.85 3.07
CA GLN C 459 18.43 -28.96 3.06
C GLN C 459 18.63 -28.15 4.35
N VAL C 460 17.59 -27.42 4.79
CA VAL C 460 17.63 -26.54 5.95
C VAL C 460 17.51 -27.29 7.30
N GLY C 461 16.77 -28.40 7.30
CA GLY C 461 16.67 -29.33 8.42
C GLY C 461 15.82 -28.98 9.61
N HIS C 462 14.95 -27.97 9.48
CA HIS C 462 14.08 -27.56 10.58
C HIS C 462 13.02 -28.60 10.86
N ARG C 463 12.80 -28.89 12.16
CA ARG C 463 11.86 -29.90 12.59
C ARG C 463 10.57 -29.27 13.05
N PHE C 464 9.42 -29.74 12.48
CA PHE C 464 8.10 -29.26 12.85
C PHE C 464 7.28 -30.39 13.38
N CYS C 465 6.90 -30.25 14.64
CA CYS C 465 6.14 -31.21 15.39
C CYS C 465 4.78 -31.52 14.76
N LYS C 466 4.46 -32.82 14.67
CA LYS C 466 3.24 -33.37 14.10
C LYS C 466 2.21 -33.70 15.19
N ASP C 467 2.62 -33.62 16.48
CA ASP C 467 1.80 -34.02 17.64
C ASP C 467 0.48 -33.21 17.86
N PHE C 468 0.42 -31.97 17.36
CA PHE C 468 -0.74 -31.10 17.45
C PHE C 468 -0.75 -30.21 16.24
N PRO C 469 -1.92 -29.79 15.69
CA PRO C 469 -1.89 -28.85 14.55
C PRO C 469 -1.45 -27.48 15.04
N GLY C 470 -0.51 -26.88 14.30
CA GLY C 470 0.03 -25.57 14.62
C GLY C 470 -1.04 -24.52 14.46
N PHE C 471 -0.89 -23.40 15.15
CA PHE C 471 -1.83 -22.29 15.09
C PHE C 471 -2.10 -21.84 13.63
N ILE C 472 -1.06 -21.37 12.87
CA ILE C 472 -1.17 -20.91 11.46
C ILE C 472 -1.65 -22.04 10.54
N PRO C 473 -1.05 -23.27 10.50
CA PRO C 473 -1.56 -24.31 9.62
C PRO C 473 -3.05 -24.58 9.82
N SER C 474 -3.49 -24.53 11.08
CA SER C 474 -4.85 -24.81 11.46
C SER C 474 -5.79 -23.75 10.88
N LEU C 475 -5.42 -22.47 10.93
CA LEU C 475 -6.20 -21.34 10.39
C LEU C 475 -6.29 -21.37 8.89
N LEU C 476 -5.16 -21.68 8.23
CA LEU C 476 -5.01 -21.77 6.79
C LEU C 476 -5.89 -22.86 6.22
N GLY C 477 -5.92 -24.02 6.89
CA GLY C 477 -6.72 -25.17 6.50
C GLY C 477 -8.20 -24.83 6.47
N ASN C 478 -8.64 -24.07 7.50
CA ASN C 478 -10.01 -23.61 7.62
C ASN C 478 -10.28 -22.62 6.52
N LEU C 479 -9.32 -21.68 6.24
CA LEU C 479 -9.45 -20.71 5.15
C LEU C 479 -9.61 -21.43 3.79
N LEU C 480 -8.73 -22.38 3.49
CA LEU C 480 -8.79 -23.13 2.24
C LEU C 480 -10.05 -23.97 2.12
N GLU C 481 -10.51 -24.62 3.22
CA GLU C 481 -11.74 -25.42 3.20
C GLU C 481 -12.92 -24.50 2.91
N GLU C 482 -12.97 -23.30 3.58
CA GLU C 482 -14.03 -22.29 3.42
C GLU C 482 -14.09 -21.79 1.97
N ARG C 483 -12.93 -21.66 1.30
CA ARG C 483 -12.86 -21.24 -0.10
C ARG C 483 -13.43 -22.33 -1.02
N GLN C 484 -13.15 -23.62 -0.72
CA GLN C 484 -13.65 -24.75 -1.51
C GLN C 484 -15.17 -24.86 -1.41
N LYS C 485 -15.71 -24.59 -0.21
CA LYS C 485 -17.15 -24.59 0.04
C LYS C 485 -17.83 -23.49 -0.77
N ILE C 486 -17.23 -22.25 -0.77
CA ILE C 486 -17.73 -21.10 -1.53
C ILE C 486 -17.74 -21.46 -3.04
N LYS C 487 -16.62 -21.99 -3.56
CA LYS C 487 -16.46 -22.39 -4.95
C LYS C 487 -17.50 -23.42 -5.37
N LYS C 488 -17.81 -24.38 -4.46
CA LYS C 488 -18.84 -25.42 -4.68
C LYS C 488 -20.21 -24.76 -4.70
N ARG C 489 -20.46 -23.76 -3.83
CA ARG C 489 -21.75 -23.05 -3.78
C ARG C 489 -21.93 -22.24 -5.07
N MET C 490 -20.83 -21.76 -5.68
CA MET C 490 -20.84 -20.97 -6.93
C MET C 490 -21.28 -21.81 -8.12
N LYS C 491 -20.77 -23.07 -8.24
CA LYS C 491 -21.17 -23.99 -9.31
C LYS C 491 -22.65 -24.36 -9.21
N GLU C 492 -23.14 -24.64 -7.97
CA GLU C 492 -24.51 -25.06 -7.65
C GLU C 492 -25.50 -23.86 -7.44
N SER C 493 -25.10 -22.62 -7.81
CA SER C 493 -25.97 -21.44 -7.69
C SER C 493 -26.49 -20.97 -9.05
N LYS C 494 -27.80 -20.70 -9.12
CA LYS C 494 -28.47 -20.23 -10.35
C LYS C 494 -28.72 -18.70 -10.27
N ASP C 495 -28.32 -18.05 -9.13
CA ASP C 495 -28.48 -16.62 -8.83
C ASP C 495 -27.19 -15.83 -9.17
N PRO C 496 -27.20 -14.95 -10.22
CA PRO C 496 -25.98 -14.21 -10.59
C PRO C 496 -25.50 -13.18 -9.57
N VAL C 497 -26.41 -12.72 -8.66
CA VAL C 497 -26.11 -11.75 -7.62
C VAL C 497 -25.26 -12.38 -6.52
N GLU C 498 -25.64 -13.58 -5.99
CA GLU C 498 -24.83 -14.22 -4.94
C GLU C 498 -23.52 -14.77 -5.51
N LYS C 499 -23.53 -15.19 -6.79
CA LYS C 499 -22.34 -15.69 -7.48
C LYS C 499 -21.24 -14.62 -7.50
N LYS C 500 -21.65 -13.34 -7.71
CA LYS C 500 -20.81 -12.14 -7.75
C LYS C 500 -20.21 -11.89 -6.37
N LEU C 501 -21.05 -11.96 -5.32
CA LEU C 501 -20.66 -11.74 -3.92
C LEU C 501 -19.72 -12.84 -3.46
N LEU C 502 -20.08 -14.12 -3.73
CA LEU C 502 -19.25 -15.29 -3.39
C LEU C 502 -17.92 -15.26 -4.13
N ASP C 503 -17.88 -14.70 -5.37
CA ASP C 503 -16.64 -14.62 -6.13
C ASP C 503 -15.64 -13.72 -5.42
N TYR C 504 -16.10 -12.58 -4.86
CA TYR C 504 -15.27 -11.65 -4.11
C TYR C 504 -14.77 -12.29 -2.81
N ARG C 505 -15.60 -13.18 -2.25
CA ARG C 505 -15.30 -13.85 -1.00
C ARG C 505 -14.21 -14.87 -1.16
N GLN C 506 -14.29 -15.72 -2.22
CA GLN C 506 -13.25 -16.73 -2.45
C GLN C 506 -11.94 -16.03 -2.88
N ARG C 507 -12.03 -14.88 -3.60
CA ARG C 507 -10.86 -14.10 -4.03
C ARG C 507 -10.15 -13.50 -2.82
N ALA C 508 -10.93 -12.97 -1.84
CA ALA C 508 -10.41 -12.39 -0.59
C ALA C 508 -9.65 -13.45 0.21
N ILE C 509 -10.17 -14.71 0.24
CA ILE C 509 -9.53 -15.82 0.95
C ILE C 509 -8.22 -16.14 0.26
N LYS C 510 -8.21 -16.27 -1.08
CA LYS C 510 -7.02 -16.54 -1.88
C LYS C 510 -5.94 -15.50 -1.58
N ILE C 511 -6.29 -14.20 -1.57
CA ILE C 511 -5.34 -13.13 -1.27
C ILE C 511 -4.75 -13.29 0.13
N LEU C 512 -5.63 -13.54 1.16
CA LEU C 512 -5.19 -13.72 2.55
C LEU C 512 -4.31 -14.95 2.71
N ALA C 513 -4.74 -16.12 2.19
CA ALA C 513 -3.98 -17.37 2.27
C ALA C 513 -2.61 -17.25 1.61
N ASN C 514 -2.54 -16.62 0.43
CA ASN C 514 -1.29 -16.49 -0.31
C ASN C 514 -0.32 -15.45 0.31
N SER C 515 -0.73 -14.75 1.38
CA SER C 515 0.08 -13.74 2.09
C SER C 515 0.80 -14.31 3.32
N TYR C 516 0.48 -15.55 3.73
CA TYR C 516 1.05 -16.21 4.92
C TYR C 516 2.51 -16.54 4.79
N TYR C 517 2.93 -17.03 3.60
CA TYR C 517 4.32 -17.37 3.26
C TYR C 517 5.19 -16.15 3.48
N GLY C 518 4.75 -15.03 2.89
CA GLY C 518 5.48 -13.78 2.97
C GLY C 518 5.55 -13.23 4.37
N TYR C 519 4.47 -13.46 5.14
CA TYR C 519 4.31 -12.95 6.49
C TYR C 519 5.32 -13.58 7.43
N TYR C 520 5.56 -14.92 7.32
CA TYR C 520 6.55 -15.59 8.17
C TYR C 520 7.91 -14.88 8.16
N GLY C 521 8.25 -14.24 7.04
CA GLY C 521 9.50 -13.51 6.84
C GLY C 521 9.44 -12.01 7.08
N TYR C 522 8.27 -11.46 7.36
CA TYR C 522 8.03 -10.03 7.58
C TYR C 522 8.60 -9.64 8.95
N ALA C 523 9.71 -8.85 8.96
CA ALA C 523 10.46 -8.43 10.14
C ALA C 523 9.62 -7.73 11.23
N LYS C 524 8.47 -7.15 10.88
CA LYS C 524 7.61 -6.47 11.85
C LYS C 524 6.53 -7.40 12.41
N ALA C 525 6.44 -8.65 11.91
CA ALA C 525 5.42 -9.65 12.30
C ALA C 525 5.58 -10.16 13.73
N ARG C 526 4.46 -10.40 14.42
CA ARG C 526 4.35 -10.99 15.74
C ARG C 526 4.68 -12.47 15.64
N TRP C 527 4.03 -13.17 14.67
CA TRP C 527 4.24 -14.58 14.42
C TRP C 527 5.30 -14.78 13.34
N TYR C 528 6.33 -13.90 13.36
CA TYR C 528 7.53 -13.97 12.51
C TYR C 528 8.24 -15.26 12.80
N CYS C 529 8.69 -15.98 11.77
CA CYS C 529 9.42 -17.23 11.92
C CYS C 529 10.29 -17.43 10.68
N LYS C 530 11.58 -17.14 10.81
CA LYS C 530 12.57 -17.28 9.74
C LYS C 530 12.67 -18.73 9.30
N GLU C 531 12.78 -19.65 10.26
CA GLU C 531 12.87 -21.09 10.01
C GLU C 531 11.63 -21.62 9.25
N CYS C 532 10.44 -21.04 9.53
CA CYS C 532 9.16 -21.36 8.85
C CYS C 532 9.23 -20.97 7.40
N ALA C 533 9.70 -19.75 7.12
CA ALA C 533 9.81 -19.22 5.77
C ALA C 533 10.82 -20.03 4.95
N GLU C 534 12.01 -20.37 5.51
CA GLU C 534 13.03 -21.17 4.84
C GLU C 534 12.53 -22.57 4.52
N SER C 535 11.84 -23.19 5.47
CA SER C 535 11.30 -24.56 5.35
C SER C 535 10.29 -24.61 4.22
N VAL C 536 9.39 -23.61 4.16
CA VAL C 536 8.39 -23.49 3.10
C VAL C 536 9.10 -23.28 1.75
N THR C 537 10.20 -22.49 1.73
CA THR C 537 11.01 -22.27 0.52
C THR C 537 11.65 -23.61 0.07
N ALA C 538 12.20 -24.38 1.04
CA ALA C 538 12.86 -25.67 0.79
C ALA C 538 11.88 -26.70 0.27
N TRP C 539 10.66 -26.80 0.86
CA TRP C 539 9.65 -27.75 0.40
C TRP C 539 9.05 -27.30 -0.91
N GLY C 540 8.88 -25.97 -1.07
CA GLY C 540 8.35 -25.36 -2.28
C GLY C 540 9.21 -25.63 -3.50
N ARG C 541 10.54 -25.51 -3.34
CA ARG C 541 11.58 -25.72 -4.35
C ARG C 541 11.46 -27.07 -5.07
N GLN C 542 11.07 -28.14 -4.35
CA GLN C 542 10.86 -29.46 -4.95
C GLN C 542 9.76 -29.43 -6.02
N TYR C 543 8.74 -28.59 -5.84
CA TYR C 543 7.67 -28.46 -6.80
C TYR C 543 8.09 -27.55 -7.94
N ILE C 544 8.92 -26.51 -7.64
CA ILE C 544 9.44 -25.56 -8.61
C ILE C 544 10.38 -26.32 -9.55
N ASP C 545 11.21 -27.23 -8.99
CA ASP C 545 12.16 -28.02 -9.76
C ASP C 545 11.44 -29.00 -10.66
N LEU C 546 10.27 -29.49 -10.23
CA LEU C 546 9.42 -30.39 -10.99
C LEU C 546 8.82 -29.67 -12.20
N VAL C 547 8.24 -28.47 -11.95
CA VAL C 547 7.66 -27.61 -12.96
C VAL C 547 8.75 -27.28 -13.99
N ARG C 548 9.94 -26.80 -13.53
CA ARG C 548 11.07 -26.44 -14.40
C ARG C 548 11.47 -27.62 -15.29
N ARG C 549 11.66 -28.83 -14.70
CA ARG C 549 12.01 -30.05 -15.44
C ARG C 549 10.95 -30.46 -16.47
N GLU C 550 9.66 -30.39 -16.10
CA GLU C 550 8.57 -30.77 -16.99
C GLU C 550 8.41 -29.77 -18.13
N LEU C 551 8.67 -28.46 -17.86
CA LEU C 551 8.65 -27.45 -18.90
C LEU C 551 9.80 -27.68 -19.88
N GLU C 552 11.01 -27.93 -19.35
CA GLU C 552 12.21 -28.12 -20.15
C GLU C 552 12.14 -29.33 -21.06
N SER C 553 11.43 -30.41 -20.64
CA SER C 553 11.28 -31.61 -21.48
C SER C 553 10.24 -31.37 -22.58
N ARG C 554 9.43 -30.27 -22.44
CA ARG C 554 8.40 -29.93 -23.41
C ARG C 554 8.92 -28.95 -24.48
N GLY C 555 10.19 -28.56 -24.35
CA GLY C 555 10.83 -27.66 -25.31
C GLY C 555 10.91 -26.24 -24.84
N PHE C 556 10.34 -25.96 -23.66
CA PHE C 556 10.37 -24.63 -23.08
C PHE C 556 11.75 -24.30 -22.51
N LYS C 557 12.15 -23.04 -22.61
CA LYS C 557 13.36 -22.46 -22.02
C LYS C 557 12.91 -21.55 -20.90
N VAL C 558 13.34 -21.83 -19.68
CA VAL C 558 12.96 -21.03 -18.51
C VAL C 558 13.97 -19.83 -18.44
N LEU C 559 13.45 -18.61 -18.49
CA LEU C 559 14.25 -17.39 -18.57
C LEU C 559 14.43 -16.72 -17.24
N TYR C 560 13.46 -16.89 -16.34
CA TYR C 560 13.43 -16.26 -15.02
C TYR C 560 12.66 -17.15 -14.07
N ILE C 561 13.17 -17.34 -12.84
CA ILE C 561 12.45 -18.07 -11.78
C ILE C 561 12.60 -17.36 -10.48
N ASP C 562 11.51 -17.15 -9.78
CA ASP C 562 11.58 -16.65 -8.41
C ASP C 562 10.60 -17.50 -7.57
N THR C 563 10.55 -17.29 -6.25
CA THR C 563 9.65 -18.06 -5.39
C THR C 563 8.19 -17.84 -5.77
N ASP C 564 7.89 -16.72 -6.45
CA ASP C 564 6.54 -16.32 -6.87
C ASP C 564 6.10 -16.92 -8.19
N GLY C 565 7.04 -17.13 -9.09
CA GLY C 565 6.69 -17.68 -10.39
C GLY C 565 7.84 -17.76 -11.35
N LEU C 566 7.51 -17.95 -12.65
CA LEU C 566 8.51 -18.05 -13.69
C LEU C 566 8.04 -17.48 -15.03
N TYR C 567 9.01 -17.25 -15.93
CA TYR C 567 8.81 -16.81 -17.31
C TYR C 567 9.53 -17.78 -18.20
N ALA C 568 8.87 -18.22 -19.25
CA ALA C 568 9.41 -19.19 -20.18
C ALA C 568 8.93 -18.89 -21.58
N THR C 569 9.61 -19.47 -22.56
CA THR C 569 9.28 -19.39 -23.97
C THR C 569 9.72 -20.68 -24.62
N ILE C 570 9.28 -20.91 -25.87
CA ILE C 570 9.75 -22.02 -26.69
C ILE C 570 10.55 -21.31 -27.77
N PRO C 571 11.90 -21.31 -27.65
CA PRO C 571 12.72 -20.54 -28.59
C PRO C 571 12.33 -20.76 -30.05
N GLY C 572 12.05 -19.65 -30.73
CA GLY C 572 11.65 -19.60 -32.12
C GLY C 572 10.29 -20.18 -32.50
N ALA C 573 9.40 -20.42 -31.52
CA ALA C 573 8.07 -20.96 -31.80
C ALA C 573 7.02 -19.84 -31.97
N LYS C 574 5.92 -20.17 -32.70
CA LYS C 574 4.77 -19.31 -32.96
C LYS C 574 4.07 -19.00 -31.62
N HIS C 575 3.58 -17.76 -31.45
CA HIS C 575 2.96 -17.30 -30.21
C HIS C 575 1.74 -18.12 -29.78
N GLU C 576 0.87 -18.50 -30.72
CA GLU C 576 -0.32 -19.30 -30.38
C GLU C 576 0.08 -20.70 -29.89
N GLU C 577 1.19 -21.24 -30.41
CA GLU C 577 1.74 -22.54 -30.06
C GLU C 577 2.32 -22.50 -28.63
N ILE C 578 3.03 -21.40 -28.28
CA ILE C 578 3.58 -21.21 -26.95
C ILE C 578 2.41 -21.17 -25.96
N LYS C 579 1.36 -20.37 -26.24
CA LYS C 579 0.16 -20.24 -25.39
C LYS C 579 -0.51 -21.60 -25.19
N GLU C 580 -0.88 -22.26 -26.32
CA GLU C 580 -1.55 -23.56 -26.32
C GLU C 580 -0.78 -24.59 -25.49
N LYS C 581 0.55 -24.69 -25.68
CA LYS C 581 1.39 -25.65 -24.98
C LYS C 581 1.48 -25.31 -23.49
N ALA C 582 1.51 -24.00 -23.14
CA ALA C 582 1.57 -23.53 -21.75
C ALA C 582 0.27 -23.81 -21.02
N LEU C 583 -0.90 -23.53 -21.67
CA LEU C 583 -2.23 -23.78 -21.12
C LEU C 583 -2.46 -25.29 -20.90
N LYS C 584 -1.92 -26.12 -21.82
CA LYS C 584 -1.95 -27.58 -21.77
C LYS C 584 -1.07 -28.06 -20.64
N PHE C 585 0.08 -27.38 -20.46
CA PHE C 585 1.07 -27.72 -19.45
C PHE C 585 0.52 -27.50 -18.03
N VAL C 586 -0.16 -26.39 -17.76
CA VAL C 586 -0.71 -26.09 -16.42
C VAL C 586 -1.80 -27.11 -16.10
N GLU C 587 -2.66 -27.39 -17.08
CA GLU C 587 -3.75 -28.37 -17.01
C GLU C 587 -3.16 -29.71 -16.55
N TYR C 588 -1.99 -30.10 -17.14
CA TYR C 588 -1.31 -31.36 -16.88
C TYR C 588 -0.69 -31.40 -15.49
N ILE C 589 0.13 -30.39 -15.13
CA ILE C 589 0.85 -30.35 -13.86
C ILE C 589 -0.12 -30.37 -12.67
N ASN C 590 -1.20 -29.56 -12.72
CA ASN C 590 -2.23 -29.47 -11.68
C ASN C 590 -2.90 -30.83 -11.42
N SER C 591 -3.00 -31.67 -12.47
CA SER C 591 -3.57 -33.01 -12.41
C SER C 591 -2.58 -34.02 -11.80
N LYS C 592 -1.28 -33.69 -11.77
CA LYS C 592 -0.24 -34.52 -11.17
C LYS C 592 0.04 -34.10 -9.70
N LEU C 593 -0.10 -32.79 -9.40
CA LEU C 593 0.15 -32.23 -8.07
C LEU C 593 -1.00 -32.55 -7.11
N PRO C 594 -0.69 -33.16 -5.92
CA PRO C 594 -1.75 -33.55 -4.98
C PRO C 594 -2.45 -32.38 -4.27
N GLY C 595 -3.71 -32.63 -3.90
CA GLY C 595 -4.53 -31.68 -3.17
C GLY C 595 -4.78 -30.36 -3.86
N LEU C 596 -4.69 -29.26 -3.08
CA LEU C 596 -4.94 -27.88 -3.52
C LEU C 596 -3.66 -27.17 -3.98
N LEU C 597 -2.55 -27.94 -4.29
CA LEU C 597 -1.32 -27.38 -4.85
C LEU C 597 -1.66 -26.94 -6.27
N GLU C 598 -1.54 -25.63 -6.58
CA GLU C 598 -1.99 -25.20 -7.90
C GLU C 598 -1.05 -24.21 -8.60
N LEU C 599 -0.80 -24.50 -9.89
CA LEU C 599 -0.03 -23.67 -10.79
C LEU C 599 -1.00 -22.78 -11.53
N GLU C 600 -0.62 -21.53 -11.79
CA GLU C 600 -1.51 -20.61 -12.45
C GLU C 600 -0.86 -19.95 -13.64
N TYR C 601 -1.57 -19.92 -14.77
CA TYR C 601 -1.13 -19.25 -15.98
C TYR C 601 -1.49 -17.81 -15.80
N GLU C 602 -0.49 -16.94 -15.59
CA GLU C 602 -0.74 -15.55 -15.33
C GLU C 602 -0.97 -14.78 -16.62
N GLY C 603 -0.15 -15.03 -17.65
CA GLY C 603 -0.30 -14.32 -18.91
C GLY C 603 0.75 -14.57 -19.95
N PHE C 604 0.69 -13.78 -21.01
CA PHE C 604 1.59 -13.86 -22.16
C PHE C 604 2.10 -12.48 -22.54
N TYR C 605 3.35 -12.42 -23.01
CA TYR C 605 4.04 -11.18 -23.37
C TYR C 605 4.73 -11.34 -24.70
N ALA C 606 4.64 -10.30 -25.53
CA ALA C 606 5.22 -10.30 -26.88
C ALA C 606 6.74 -10.32 -26.82
N ARG C 607 7.30 -9.55 -25.87
CA ARG C 607 8.74 -9.44 -25.62
C ARG C 607 9.01 -9.21 -24.14
N GLY C 608 10.26 -9.35 -23.78
CA GLY C 608 10.72 -9.11 -22.43
C GLY C 608 12.18 -9.40 -22.21
N PHE C 609 12.74 -8.77 -21.19
CA PHE C 609 14.11 -8.98 -20.77
C PHE C 609 14.13 -8.97 -19.25
N PHE C 610 15.11 -9.66 -18.65
CA PHE C 610 15.24 -9.86 -17.20
C PHE C 610 16.64 -9.48 -16.72
N VAL C 611 16.73 -8.60 -15.71
CA VAL C 611 18.00 -8.11 -15.22
C VAL C 611 18.50 -8.96 -14.03
N THR C 612 17.70 -9.04 -12.93
CA THR C 612 17.93 -9.87 -11.72
C THR C 612 16.58 -10.14 -11.13
N LYS C 613 16.56 -10.62 -9.87
CA LYS C 613 15.37 -10.91 -9.08
C LYS C 613 14.52 -9.65 -8.95
N LYS C 614 13.27 -9.73 -9.43
CA LYS C 614 12.23 -8.70 -9.38
C LYS C 614 12.65 -7.38 -10.09
N LYS C 615 13.55 -7.49 -11.10
CA LYS C 615 14.05 -6.45 -12.01
C LYS C 615 13.96 -7.00 -13.42
N TYR C 616 12.88 -6.66 -14.11
CA TYR C 616 12.59 -7.11 -15.46
C TYR C 616 11.58 -6.18 -16.13
N ALA C 617 11.40 -6.34 -17.43
CA ALA C 617 10.48 -5.51 -18.20
C ALA C 617 9.95 -6.32 -19.32
N LEU C 618 8.63 -6.22 -19.54
CA LEU C 618 7.91 -6.99 -20.54
C LEU C 618 6.96 -6.09 -21.32
N ILE C 619 6.47 -6.57 -22.44
CA ILE C 619 5.49 -5.84 -23.24
C ILE C 619 4.43 -6.85 -23.67
N ASP C 620 3.14 -6.53 -23.44
CA ASP C 620 2.08 -7.48 -23.83
C ASP C 620 1.74 -7.34 -25.34
N GLU C 621 0.82 -8.18 -25.84
CA GLU C 621 0.44 -8.17 -27.27
C GLU C 621 -0.37 -6.91 -27.67
N GLU C 622 -0.85 -6.13 -26.68
CA GLU C 622 -1.62 -4.90 -26.92
C GLU C 622 -0.70 -3.66 -26.87
N GLY C 623 0.62 -3.88 -26.68
CA GLY C 623 1.70 -2.88 -26.62
C GLY C 623 1.85 -2.18 -25.21
N LYS C 624 1.29 -2.77 -24.14
CA LYS C 624 1.46 -2.20 -22.81
C LYS C 624 2.75 -2.71 -22.18
N ILE C 625 3.62 -1.78 -21.72
CA ILE C 625 4.89 -2.11 -21.07
C ILE C 625 4.64 -2.31 -19.58
N VAL C 626 5.07 -3.46 -19.04
CA VAL C 626 4.96 -3.79 -17.61
C VAL C 626 6.37 -4.08 -17.10
N THR C 627 6.81 -3.34 -16.10
CA THR C 627 8.16 -3.50 -15.54
C THR C 627 8.06 -3.75 -14.04
N ARG C 628 9.16 -4.25 -13.48
CA ARG C 628 9.33 -4.43 -12.04
C ARG C 628 10.72 -4.02 -11.69
N GLY C 629 10.84 -3.13 -10.69
CA GLY C 629 12.08 -2.62 -10.14
C GLY C 629 13.06 -1.97 -11.08
N LEU C 630 12.57 -1.21 -12.11
CA LEU C 630 13.45 -0.55 -13.07
C LEU C 630 13.12 0.91 -13.35
N GLU C 631 11.82 1.24 -13.53
CA GLU C 631 11.41 2.60 -13.95
C GLU C 631 11.59 3.66 -12.86
N ILE C 632 11.97 4.87 -13.27
CA ILE C 632 12.26 6.01 -12.38
C ILE C 632 11.29 7.18 -12.64
N VAL C 633 9.99 6.88 -12.88
CA VAL C 633 8.98 7.92 -13.12
C VAL C 633 8.62 8.63 -11.78
N ARG C 634 9.51 9.53 -11.32
CA ARG C 634 9.38 10.32 -10.08
C ARG C 634 9.99 11.72 -10.26
N ARG C 635 9.45 12.72 -9.54
CA ARG C 635 9.85 14.12 -9.72
C ARG C 635 11.29 14.44 -9.26
N ASP C 636 11.92 13.54 -8.46
CA ASP C 636 13.29 13.76 -7.98
C ASP C 636 14.36 13.22 -8.97
N TRP C 637 13.92 12.78 -10.16
CA TRP C 637 14.77 12.38 -11.29
C TRP C 637 14.50 13.39 -12.40
N SER C 638 15.55 13.94 -13.05
CA SER C 638 15.36 14.94 -14.11
C SER C 638 14.63 14.36 -15.32
N GLU C 639 13.95 15.23 -16.11
CA GLU C 639 13.24 14.82 -17.31
C GLU C 639 14.18 14.10 -18.31
N ILE C 640 15.44 14.60 -18.45
CA ILE C 640 16.43 14.02 -19.36
C ILE C 640 16.66 12.53 -19.05
N ALA C 641 16.73 12.16 -17.75
CA ALA C 641 16.94 10.80 -17.31
C ALA C 641 15.70 9.91 -17.53
N LYS C 642 14.51 10.47 -17.26
CA LYS C 642 13.23 9.77 -17.40
C LYS C 642 12.89 9.59 -18.85
N GLU C 643 13.09 10.65 -19.67
CA GLU C 643 12.88 10.66 -21.12
C GLU C 643 13.82 9.62 -21.76
N THR C 644 15.13 9.64 -21.43
CA THR C 644 16.10 8.70 -21.98
C THR C 644 15.71 7.24 -21.59
N GLN C 645 15.33 7.00 -20.32
CA GLN C 645 14.94 5.67 -19.88
C GLN C 645 13.72 5.17 -20.63
N ALA C 646 12.66 6.00 -20.79
CA ALA C 646 11.45 5.64 -21.54
C ALA C 646 11.80 5.26 -22.99
N LYS C 647 12.69 6.05 -23.64
CA LYS C 647 13.19 5.88 -25.01
C LYS C 647 13.98 4.57 -25.14
N VAL C 648 14.85 4.26 -24.16
CA VAL C 648 15.62 3.02 -24.11
C VAL C 648 14.65 1.80 -24.03
N LEU C 649 13.66 1.82 -23.07
CA LEU C 649 12.68 0.75 -22.92
C LEU C 649 11.81 0.59 -24.17
N GLU C 650 11.46 1.71 -24.85
CA GLU C 650 10.66 1.67 -26.07
C GLU C 650 11.46 1.10 -27.20
N ALA C 651 12.74 1.47 -27.33
CA ALA C 651 13.62 0.94 -28.37
C ALA C 651 13.75 -0.55 -28.22
N ILE C 652 13.86 -1.04 -26.97
CA ILE C 652 14.03 -2.48 -26.72
C ILE C 652 12.71 -3.22 -26.86
N LEU C 653 11.67 -2.79 -26.15
CA LEU C 653 10.41 -3.53 -26.10
C LEU C 653 9.50 -3.29 -27.30
N LYS C 654 9.39 -2.05 -27.81
CA LYS C 654 8.52 -1.74 -28.94
C LYS C 654 9.21 -1.99 -30.28
N HIS C 655 10.53 -1.74 -30.36
CA HIS C 655 11.30 -1.87 -31.58
C HIS C 655 12.17 -3.11 -31.64
N GLY C 656 12.32 -3.83 -30.52
CA GLY C 656 13.14 -5.02 -30.40
C GLY C 656 14.60 -4.74 -30.72
N ASN C 657 15.04 -3.47 -30.49
CA ASN C 657 16.33 -2.93 -30.91
C ASN C 657 17.19 -2.36 -29.78
N VAL C 658 18.10 -3.19 -29.22
CA VAL C 658 19.01 -2.79 -28.14
C VAL C 658 20.13 -1.89 -28.70
N ASP C 659 20.49 -2.05 -30.01
CA ASP C 659 21.50 -1.20 -30.62
C ASP C 659 20.97 0.22 -30.72
N GLU C 660 19.64 0.40 -31.02
CA GLU C 660 18.98 1.71 -31.04
C GLU C 660 19.03 2.35 -29.69
N ALA C 661 18.75 1.57 -28.62
CA ALA C 661 18.75 2.02 -27.23
C ALA C 661 20.12 2.55 -26.82
N VAL C 662 21.20 1.82 -27.16
CA VAL C 662 22.59 2.21 -26.83
C VAL C 662 22.96 3.52 -27.55
N LYS C 663 22.52 3.65 -28.83
CA LYS C 663 22.77 4.86 -29.62
C LYS C 663 22.04 6.03 -29.00
N ILE C 664 20.81 5.81 -28.45
CA ILE C 664 20.00 6.85 -27.79
C ILE C 664 20.81 7.47 -26.61
N VAL C 665 21.39 6.61 -25.76
CA VAL C 665 22.17 7.02 -24.58
C VAL C 665 23.43 7.78 -25.01
N LYS C 666 24.19 7.24 -25.98
CA LYS C 666 25.41 7.85 -26.48
C LYS C 666 25.14 9.27 -27.02
N GLU C 667 23.99 9.45 -27.73
CA GLU C 667 23.59 10.74 -28.32
C GLU C 667 23.21 11.73 -27.23
N VAL C 668 22.44 11.30 -26.23
CA VAL C 668 21.98 12.14 -25.12
C VAL C 668 23.19 12.64 -24.29
N THR C 669 24.15 11.75 -23.97
CA THR C 669 25.34 12.10 -23.18
C THR C 669 26.25 13.08 -23.93
N GLU C 670 26.39 12.93 -25.26
CA GLU C 670 27.18 13.85 -26.09
C GLU C 670 26.54 15.22 -26.10
N LYS C 671 25.18 15.25 -26.21
CA LYS C 671 24.36 16.45 -26.19
C LYS C 671 24.52 17.17 -24.86
N LEU C 672 24.57 16.43 -23.73
CA LEU C 672 24.80 17.02 -22.41
C LEU C 672 26.21 17.65 -22.34
N SER C 673 27.25 16.94 -22.89
CA SER C 673 28.66 17.38 -22.94
C SER C 673 28.82 18.69 -23.69
N LYS C 674 28.04 18.85 -24.78
CA LYS C 674 28.10 19.99 -25.69
C LYS C 674 27.08 21.10 -25.36
N TYR C 675 26.39 20.98 -24.20
CA TYR C 675 25.40 21.95 -23.68
C TYR C 675 24.29 22.21 -24.69
N GLU C 676 23.76 21.11 -25.26
CA GLU C 676 22.71 21.07 -26.27
C GLU C 676 21.35 20.66 -25.65
N ILE C 677 21.33 20.40 -24.34
CA ILE C 677 20.09 19.97 -23.67
C ILE C 677 19.44 21.20 -22.99
N PRO C 678 18.12 21.44 -23.24
CA PRO C 678 17.43 22.56 -22.57
C PRO C 678 17.43 22.43 -21.06
N PRO C 679 17.77 23.53 -20.32
CA PRO C 679 17.80 23.47 -18.85
C PRO C 679 16.50 23.00 -18.18
N GLU C 680 15.32 23.17 -18.82
CA GLU C 680 14.02 22.70 -18.29
C GLU C 680 13.99 21.17 -18.10
N LYS C 681 14.79 20.41 -18.89
CA LYS C 681 14.88 18.96 -18.80
C LYS C 681 15.89 18.51 -17.74
N LEU C 682 16.51 19.47 -17.00
CA LEU C 682 17.53 19.17 -15.98
C LEU C 682 17.10 19.46 -14.56
N VAL C 683 15.88 19.97 -14.39
CA VAL C 683 15.31 20.33 -13.10
C VAL C 683 15.03 19.09 -12.25
N ILE C 684 15.42 19.17 -10.98
CA ILE C 684 15.14 18.14 -9.96
C ILE C 684 14.15 18.77 -9.00
N TYR C 685 13.13 18.01 -8.60
CA TYR C 685 12.15 18.46 -7.64
C TYR C 685 12.19 17.58 -6.41
N GLU C 686 12.31 18.22 -5.24
CA GLU C 686 12.33 17.54 -3.94
C GLU C 686 11.57 18.38 -2.93
N GLN C 687 10.68 17.75 -2.19
CA GLN C 687 9.85 18.41 -1.18
C GLN C 687 10.64 18.67 0.11
N ILE C 688 10.32 19.83 0.75
CA ILE C 688 10.75 20.25 2.09
C ILE C 688 9.71 19.59 3.02
N THR C 689 10.16 18.79 3.99
CA THR C 689 9.25 18.04 4.88
C THR C 689 9.29 18.55 6.33
N ARG C 690 10.22 19.48 6.64
CA ARG C 690 10.46 20.02 7.98
C ARG C 690 10.79 21.49 8.03
N PRO C 691 10.79 22.15 9.22
CA PRO C 691 11.41 23.48 9.29
C PRO C 691 12.90 23.31 8.94
N LEU C 692 13.48 24.25 8.19
CA LEU C 692 14.84 24.14 7.68
C LEU C 692 15.94 23.86 8.74
N SER C 693 15.76 24.38 9.98
CA SER C 693 16.68 24.16 11.09
C SER C 693 16.67 22.70 11.61
N GLU C 694 15.60 21.92 11.28
CA GLU C 694 15.45 20.53 11.70
C GLU C 694 16.27 19.54 10.86
N TYR C 695 16.89 19.99 9.75
CA TYR C 695 17.66 19.08 8.92
C TYR C 695 19.03 18.77 9.53
N LYS C 696 19.42 17.48 9.44
CA LYS C 696 20.66 16.88 9.93
C LYS C 696 21.68 16.84 8.79
N ALA C 697 21.21 16.43 7.58
CA ALA C 697 21.97 16.34 6.35
C ALA C 697 21.41 17.34 5.33
N ILE C 698 22.25 18.28 4.87
CA ILE C 698 21.84 19.34 3.95
C ILE C 698 22.09 18.94 2.50
N GLY C 699 21.08 18.30 1.92
CA GLY C 699 21.07 17.90 0.53
C GLY C 699 20.88 19.11 -0.38
N PRO C 700 21.09 18.94 -1.72
CA PRO C 700 20.98 20.10 -2.63
C PRO C 700 19.69 20.95 -2.48
N HIS C 701 18.51 20.31 -2.35
CA HIS C 701 17.21 21.00 -2.25
C HIS C 701 17.11 21.84 -0.99
N VAL C 702 17.79 21.44 0.10
CA VAL C 702 17.81 22.13 1.41
C VAL C 702 18.78 23.32 1.37
N ALA C 703 19.95 23.15 0.72
CA ALA C 703 20.94 24.22 0.54
C ALA C 703 20.29 25.36 -0.26
N VAL C 704 19.54 25.01 -1.33
CA VAL C 704 18.78 25.93 -2.20
C VAL C 704 17.67 26.61 -1.39
N ALA C 705 16.91 25.82 -0.56
CA ALA C 705 15.81 26.28 0.28
C ALA C 705 16.29 27.28 1.33
N LYS C 706 17.47 27.03 1.96
CA LYS C 706 18.05 27.93 2.97
C LYS C 706 18.37 29.29 2.36
N ARG C 707 18.87 29.30 1.10
CA ARG C 707 19.19 30.52 0.36
C ARG C 707 17.89 31.30 0.05
N LEU C 708 16.78 30.59 -0.26
CA LEU C 708 15.49 31.23 -0.57
C LEU C 708 14.91 31.88 0.69
N ALA C 709 14.98 31.16 1.84
CA ALA C 709 14.52 31.65 3.13
C ALA C 709 15.28 32.92 3.51
N ALA C 710 16.62 32.91 3.29
CA ALA C 710 17.52 34.05 3.52
C ALA C 710 17.11 35.27 2.70
N LYS C 711 16.48 35.05 1.52
CA LYS C 711 15.98 36.08 0.59
C LYS C 711 14.61 36.63 1.02
N GLY C 712 13.99 36.01 2.02
CA GLY C 712 12.67 36.36 2.55
C GLY C 712 11.55 35.43 2.12
N VAL C 713 11.88 34.33 1.40
CA VAL C 713 10.87 33.39 0.95
C VAL C 713 10.34 32.61 2.18
N LYS C 714 9.01 32.49 2.30
CA LYS C 714 8.38 31.74 3.38
C LYS C 714 8.52 30.24 3.09
N VAL C 715 9.67 29.62 3.47
CA VAL C 715 9.86 28.18 3.22
C VAL C 715 9.15 27.38 4.34
N LYS C 716 8.20 26.52 3.94
CA LYS C 716 7.37 25.74 4.86
C LYS C 716 7.31 24.29 4.40
N PRO C 717 7.04 23.30 5.29
CA PRO C 717 6.95 21.90 4.84
C PRO C 717 5.82 21.74 3.83
N GLY C 718 6.07 20.95 2.80
CA GLY C 718 5.12 20.79 1.73
C GLY C 718 5.61 21.45 0.46
N MET C 719 6.43 22.52 0.59
CA MET C 719 7.05 23.23 -0.52
C MET C 719 7.95 22.25 -1.30
N VAL C 720 7.88 22.32 -2.64
CA VAL C 720 8.64 21.48 -3.54
C VAL C 720 9.70 22.36 -4.19
N ILE C 721 10.98 22.00 -4.02
CA ILE C 721 12.11 22.79 -4.53
C ILE C 721 12.60 22.27 -5.89
N GLY C 722 12.57 23.15 -6.88
CA GLY C 722 13.09 22.89 -8.21
C GLY C 722 14.51 23.44 -8.31
N TYR C 723 15.49 22.58 -8.64
CA TYR C 723 16.86 23.04 -8.77
C TYR C 723 17.62 22.38 -9.93
N ILE C 724 18.71 23.03 -10.36
CA ILE C 724 19.64 22.58 -11.40
C ILE C 724 21.03 22.56 -10.78
N VAL C 725 21.80 21.50 -11.05
CA VAL C 725 23.16 21.28 -10.56
C VAL C 725 24.14 21.93 -11.54
N LEU C 726 24.89 22.91 -11.05
CA LEU C 726 25.85 23.63 -11.85
C LEU C 726 27.26 23.03 -11.77
N ARG C 727 28.11 23.42 -12.75
CA ARG C 727 29.50 23.00 -12.87
C ARG C 727 30.28 23.63 -11.73
N GLY C 728 31.26 22.90 -11.21
CA GLY C 728 32.12 23.41 -10.15
C GLY C 728 32.75 22.40 -9.23
N ASP C 729 33.44 22.93 -8.20
CA ASP C 729 34.12 22.18 -7.16
C ASP C 729 33.21 21.96 -5.95
N GLY C 730 33.36 20.79 -5.32
CA GLY C 730 32.64 20.42 -4.12
C GLY C 730 31.49 19.45 -4.31
N PRO C 731 30.73 19.17 -3.22
CA PRO C 731 29.55 18.29 -3.35
C PRO C 731 28.46 19.04 -4.09
N ILE C 732 27.48 18.30 -4.62
CA ILE C 732 26.43 18.86 -5.46
C ILE C 732 25.61 19.95 -4.76
N SER C 733 25.42 19.86 -3.42
CA SER C 733 24.67 20.81 -2.60
C SER C 733 25.19 22.23 -2.72
N LYS C 734 26.51 22.40 -2.84
CA LYS C 734 27.13 23.71 -2.94
C LYS C 734 27.02 24.26 -4.35
N ARG C 735 26.68 23.40 -5.32
CA ARG C 735 26.59 23.73 -6.74
C ARG C 735 25.16 23.73 -7.29
N ALA C 736 24.16 23.53 -6.43
CA ALA C 736 22.79 23.53 -6.87
C ALA C 736 22.23 24.93 -6.83
N ILE C 737 21.43 25.28 -7.84
CA ILE C 737 20.78 26.59 -7.96
C ILE C 737 19.26 26.43 -8.13
N ALA C 738 18.48 27.32 -7.50
CA ALA C 738 17.02 27.38 -7.64
C ALA C 738 16.71 27.63 -9.10
N ILE C 739 15.71 26.96 -9.70
CA ILE C 739 15.39 27.14 -11.14
C ILE C 739 15.07 28.60 -11.51
N GLU C 740 14.35 29.32 -10.64
CA GLU C 740 13.99 30.72 -10.88
C GLU C 740 15.26 31.63 -10.97
N GLU C 741 16.40 31.20 -10.37
CA GLU C 741 17.67 31.93 -10.39
C GLU C 741 18.54 31.51 -11.58
N PHE C 742 18.23 30.38 -12.22
CA PHE C 742 19.02 29.90 -13.35
C PHE C 742 18.86 30.83 -14.55
N ASP C 743 20.00 31.31 -15.05
CA ASP C 743 20.18 32.19 -16.20
C ASP C 743 21.06 31.44 -17.19
N PRO C 744 20.56 31.05 -18.39
CA PRO C 744 21.38 30.26 -19.34
C PRO C 744 22.64 30.96 -19.80
N LYS C 745 22.65 32.31 -19.79
CA LYS C 745 23.80 33.11 -20.18
C LYS C 745 24.90 33.03 -19.11
N LYS C 746 24.56 33.29 -17.84
CA LYS C 746 25.53 33.28 -16.75
C LYS C 746 25.93 31.87 -16.28
N HIS C 747 24.95 30.96 -16.09
CA HIS C 747 25.20 29.64 -15.50
C HIS C 747 25.48 28.54 -16.51
N LYS C 748 26.33 27.58 -16.10
CA LYS C 748 26.67 26.40 -16.89
C LYS C 748 26.39 25.16 -16.03
N TYR C 749 25.44 24.30 -16.48
CA TYR C 749 25.05 23.09 -15.76
C TYR C 749 26.20 22.08 -15.73
N ASP C 750 26.14 21.12 -14.80
CA ASP C 750 27.18 20.11 -14.68
C ASP C 750 26.81 18.91 -15.56
N ALA C 751 27.44 18.86 -16.76
CA ALA C 751 27.23 17.79 -17.75
C ALA C 751 27.66 16.44 -17.18
N GLU C 752 28.78 16.40 -16.41
CA GLU C 752 29.28 15.18 -15.77
C GLU C 752 28.24 14.66 -14.76
N TYR C 753 27.60 15.56 -13.98
CA TYR C 753 26.54 15.14 -13.04
C TYR C 753 25.33 14.56 -13.78
N TYR C 754 24.87 15.21 -14.87
CA TYR C 754 23.69 14.74 -15.60
C TYR C 754 23.95 13.45 -16.38
N ILE C 755 25.22 13.24 -16.83
CA ILE C 755 25.64 12.03 -17.52
C ILE C 755 25.76 10.89 -16.49
N GLU C 756 26.63 11.06 -15.47
CA GLU C 756 27.01 10.02 -14.52
C GLU C 756 26.07 9.77 -13.39
N ASN C 757 25.33 10.78 -12.92
CA ASN C 757 24.46 10.60 -11.77
C ASN C 757 22.99 10.57 -12.15
N GLN C 758 22.64 10.96 -13.38
CA GLN C 758 21.25 10.97 -13.81
C GLN C 758 20.99 9.98 -14.94
N VAL C 759 21.50 10.28 -16.15
CA VAL C 759 21.20 9.49 -17.36
C VAL C 759 21.77 8.06 -17.32
N LEU C 760 23.05 7.87 -17.01
CA LEU C 760 23.65 6.53 -17.01
C LEU C 760 23.03 5.61 -15.92
N PRO C 761 22.84 6.05 -14.65
CA PRO C 761 22.18 5.18 -13.67
C PRO C 761 20.77 4.77 -14.10
N ALA C 762 20.03 5.65 -14.77
CA ALA C 762 18.67 5.36 -15.22
C ALA C 762 18.63 4.21 -16.26
N VAL C 763 19.70 4.06 -17.07
CA VAL C 763 19.72 3.07 -18.14
C VAL C 763 20.72 1.91 -17.92
N GLU C 764 21.72 2.06 -17.01
CA GLU C 764 22.75 1.04 -16.82
C GLU C 764 22.20 -0.31 -16.35
N ARG C 765 21.14 -0.34 -15.50
CA ARG C 765 20.58 -1.62 -15.03
C ARG C 765 19.89 -2.36 -16.19
N ILE C 766 19.10 -1.63 -16.99
CA ILE C 766 18.40 -2.17 -18.16
C ILE C 766 19.42 -2.75 -19.16
N LEU C 767 20.46 -1.99 -19.49
CA LEU C 767 21.41 -2.37 -20.52
C LEU C 767 22.35 -3.46 -20.09
N ARG C 768 22.56 -3.66 -18.76
CA ARG C 768 23.36 -4.75 -18.17
C ARG C 768 22.82 -6.12 -18.62
N ALA C 769 21.49 -6.22 -18.86
CA ALA C 769 20.81 -7.44 -19.32
C ALA C 769 21.25 -7.84 -20.75
N PHE C 770 22.02 -6.96 -21.42
CA PHE C 770 22.44 -7.12 -22.81
C PHE C 770 23.98 -7.06 -23.01
N GLY C 771 24.71 -6.99 -21.87
CA GLY C 771 26.17 -7.03 -21.87
C GLY C 771 26.90 -5.70 -21.90
N TYR C 772 26.21 -4.60 -21.59
CA TYR C 772 26.85 -3.29 -21.57
C TYR C 772 27.13 -2.88 -20.14
N ARG C 773 28.26 -2.22 -19.93
CA ARG C 773 28.67 -1.60 -18.67
C ARG C 773 28.51 -0.10 -18.88
N LYS C 774 28.44 0.68 -17.78
CA LYS C 774 28.30 2.15 -17.81
C LYS C 774 29.21 2.78 -18.87
N GLU C 775 30.48 2.31 -18.93
CA GLU C 775 31.52 2.81 -19.84
C GLU C 775 31.21 2.60 -21.31
N ASP C 776 30.40 1.58 -21.67
CA ASP C 776 30.04 1.30 -23.08
C ASP C 776 28.97 2.24 -23.64
N LEU C 777 28.31 3.03 -22.77
CA LEU C 777 27.20 3.90 -23.13
C LEU C 777 27.57 5.39 -23.50
N LYS C 778 28.85 5.68 -23.83
CA LYS C 778 29.36 7.00 -24.27
C LYS C 778 30.30 6.83 -25.50
N TYR C 779 30.68 7.94 -26.19
CA TYR C 779 31.63 7.84 -27.32
C TYR C 779 33.06 8.02 -26.82
MG MG D . -8.22 16.22 -9.98
C1 GOL E . -1.22 -3.82 16.86
O1 GOL E . -1.27 -2.42 16.99
C2 GOL E . -1.21 -4.23 15.41
O2 GOL E . -0.24 -3.48 14.68
C3 GOL E . -0.91 -5.69 15.24
O3 GOL E . -1.18 -6.07 13.90
#